data_4B1B
#
_entry.id   4B1B
#
_cell.length_a   63.187
_cell.length_b   109.242
_cell.length_c   182.414
_cell.angle_alpha   90.00
_cell.angle_beta   90.00
_cell.angle_gamma   90.00
#
_symmetry.space_group_name_H-M   'P 21 21 21'
#
loop_
_entity.id
_entity.type
_entity.pdbx_description
1 polymer 'THIOREDOXIN REDUCTASE'
2 non-polymer 'FLAVIN-ADENINE DINUCLEOTIDE'
3 water water
#
_entity_poly.entity_id   1
_entity_poly.type   'polypeptide(L)'
_entity_poly.pdbx_seq_one_letter_code
;GSCKDKNEKKNYEHVNANEKNGYLASEKNELTKNKVEEHTYDYDYVVIGGGPGGMASAKEAAAHGARVLLFDYVKPSSQG
TKWGIGGTCVNVGCVPKKLMHYAGHMGSIFKLDSKAYGWKFDNLKHDWKKLVTTVQSHIRSLNFSYMTGLRSSKVKYING
LAKLKDKNTVSYYLKGDLSKEETVTGKYILIATGCRPHIPDDVEGAKELSITSDDIFSLKKDPGKTLVVGASYVALECSG
FLNSLGYDVTVAVRSIVLRGFDQQCAVKVKLYMEEQGVMFKNGILPKKLTKMDDKILVEFSDKTSELYDTVLYAIGRKGD
IDGLNLESLNMNVNKSNNKIIADHLSCTNIPSIFAVGDVAENVPELAPVAIKAGEILARRLFKDSDEIMDYSYIPTSIYT
PIEYGACGYSEEKAYELYGKSNVEVFLQEFNNLEISAVHRQKHIRAQKDEYDLDVSSTCLAKLVCLKNEDNRVIGFHYVG
PNAGEVTQGMALALRLKVKKKDFDNCIGIHPTDAESFMNLFVTISSGLSYAAKGGCGGGKCG
;
_entity_poly.pdbx_strand_id   A,B
#
# COMPACT_ATOMS: atom_id res chain seq x y z
N HIS A 39 44.55 -11.91 21.65
CA HIS A 39 46.03 -11.75 21.59
C HIS A 39 46.59 -12.33 20.32
N THR A 40 45.84 -13.24 19.72
CA THR A 40 46.28 -13.92 18.51
C THR A 40 46.17 -13.01 17.28
N TYR A 41 45.03 -12.34 17.16
CA TYR A 41 44.76 -11.49 16.01
C TYR A 41 44.51 -10.04 16.42
N ASP A 42 44.68 -9.13 15.46
CA ASP A 42 44.42 -7.71 15.70
C ASP A 42 42.94 -7.46 15.99
N TYR A 43 42.09 -8.25 15.34
CA TYR A 43 40.65 -8.09 15.51
C TYR A 43 39.94 -9.44 15.53
N ASP A 44 38.74 -9.47 16.10
CA ASP A 44 37.90 -10.66 16.07
C ASP A 44 37.13 -10.70 14.76
N TYR A 45 36.86 -9.53 14.19
CA TYR A 45 36.04 -9.43 12.99
C TYR A 45 36.53 -8.30 12.09
N VAL A 46 36.88 -8.64 10.86
CA VAL A 46 37.31 -7.66 9.88
C VAL A 46 36.40 -7.69 8.65
N VAL A 47 35.69 -6.60 8.42
CA VAL A 47 34.69 -6.54 7.36
C VAL A 47 35.16 -5.71 6.18
N ILE A 48 35.18 -6.32 4.99
CA ILE A 48 35.52 -5.60 3.76
C ILE A 48 34.25 -5.24 3.00
N GLY A 49 33.80 -4.01 3.17
CA GLY A 49 32.56 -3.54 2.56
C GLY A 49 31.69 -2.79 3.55
N GLY A 50 31.26 -1.59 3.16
CA GLY A 50 30.48 -0.73 4.04
C GLY A 50 29.02 -0.62 3.62
N GLY A 51 28.56 -1.58 2.82
CA GLY A 51 27.18 -1.60 2.37
C GLY A 51 26.23 -2.08 3.46
N PRO A 52 24.96 -2.29 3.10
CA PRO A 52 23.98 -2.78 4.06
C PRO A 52 24.47 -4.03 4.80
N GLY A 53 24.94 -5.01 4.05
CA GLY A 53 25.39 -6.28 4.63
C GLY A 53 26.56 -6.11 5.57
N GLY A 54 27.61 -5.44 5.09
CA GLY A 54 28.78 -5.19 5.91
C GLY A 54 28.46 -4.40 7.15
N MET A 55 27.71 -3.30 6.98
CA MET A 55 27.26 -2.49 8.10
C MET A 55 26.53 -3.34 9.14
N ALA A 56 25.39 -3.89 8.73
CA ALA A 56 24.56 -4.69 9.62
C ALA A 56 25.38 -5.70 10.41
N SER A 57 26.28 -6.40 9.72
CA SER A 57 27.09 -7.43 10.35
C SER A 57 28.02 -6.84 11.39
N ALA A 58 28.90 -5.93 10.95
CA ALA A 58 29.87 -5.31 11.86
C ALA A 58 29.23 -4.87 13.16
N LYS A 59 28.08 -4.20 13.06
CA LYS A 59 27.38 -3.70 14.23
C LYS A 59 26.90 -4.83 15.13
N GLU A 60 26.28 -5.84 14.52
CA GLU A 60 25.81 -7.00 15.25
C GLU A 60 26.97 -7.72 15.94
N ALA A 61 28.10 -7.77 15.26
CA ALA A 61 29.30 -8.38 15.82
C ALA A 61 29.83 -7.58 17.00
N ALA A 62 29.80 -6.25 16.86
CA ALA A 62 30.24 -5.36 17.93
C ALA A 62 29.22 -5.33 19.07
N ALA A 63 27.98 -5.71 18.75
CA ALA A 63 26.91 -5.72 19.74
C ALA A 63 26.97 -6.95 20.63
N HIS A 64 28.00 -7.76 20.45
CA HIS A 64 28.16 -8.99 21.22
C HIS A 64 29.57 -9.20 21.70
N GLY A 65 30.38 -8.15 21.62
CA GLY A 65 31.68 -8.12 22.28
C GLY A 65 32.88 -8.39 21.40
N ALA A 66 32.68 -8.35 20.08
CA ALA A 66 33.77 -8.61 19.14
C ALA A 66 34.46 -7.33 18.69
N ARG A 67 35.79 -7.37 18.67
CA ARG A 67 36.58 -6.28 18.11
C ARG A 67 36.43 -6.24 16.59
N VAL A 68 35.63 -5.30 16.10
CA VAL A 68 35.31 -5.26 14.68
C VAL A 68 36.00 -4.10 13.95
N LEU A 69 36.74 -4.43 12.90
CA LEU A 69 37.27 -3.44 11.98
C LEU A 69 36.53 -3.52 10.66
N LEU A 70 36.20 -2.37 10.08
CA LEU A 70 35.40 -2.33 8.87
C LEU A 70 35.96 -1.37 7.82
N PHE A 71 36.06 -1.84 6.59
CA PHE A 71 36.56 -1.01 5.49
C PHE A 71 35.42 -0.62 4.55
N ASP A 72 35.51 0.58 4.00
CA ASP A 72 34.63 0.99 2.91
C ASP A 72 35.27 2.09 2.08
N TYR A 73 35.47 1.81 0.80
CA TYR A 73 36.02 2.81 -0.12
C TYR A 73 35.36 2.71 -1.49
N VAL A 74 34.60 3.73 -1.84
CA VAL A 74 33.85 3.73 -3.09
C VAL A 74 34.76 4.02 -4.28
N LYS A 75 35.14 2.98 -5.00
CA LYS A 75 35.83 3.15 -6.27
C LYS A 75 34.96 3.97 -7.22
N PRO A 76 35.54 4.97 -7.87
CA PRO A 76 34.80 5.84 -8.78
C PRO A 76 34.17 5.06 -9.92
N SER A 77 32.99 5.50 -10.37
CA SER A 77 32.30 4.87 -11.49
C SER A 77 33.11 5.01 -12.76
N SER A 78 32.65 4.35 -13.82
CA SER A 78 33.31 4.45 -15.12
C SER A 78 33.24 5.88 -15.65
N GLN A 79 32.45 6.71 -14.98
CA GLN A 79 32.39 8.13 -15.31
C GLN A 79 32.87 8.98 -14.14
N GLY A 80 33.64 8.36 -13.24
CA GLY A 80 34.33 9.09 -12.18
C GLY A 80 33.44 9.49 -11.01
N THR A 81 32.22 8.96 -10.97
CA THR A 81 31.29 9.30 -9.91
C THR A 81 31.63 8.58 -8.61
N LYS A 82 31.82 9.35 -7.54
CA LYS A 82 32.10 8.80 -6.22
C LYS A 82 31.09 9.31 -5.20
N TRP A 83 31.02 8.66 -4.04
CA TRP A 83 30.05 9.03 -3.01
C TRP A 83 30.49 8.63 -1.63
N GLY A 84 29.66 8.93 -0.64
CA GLY A 84 30.00 8.70 0.76
C GLY A 84 29.68 7.31 1.24
N ILE A 85 29.88 7.08 2.53
CA ILE A 85 29.69 5.75 3.13
C ILE A 85 28.21 5.38 3.18
N GLY A 86 27.92 4.09 2.98
CA GLY A 86 26.56 3.60 3.03
C GLY A 86 26.31 2.48 2.02
N GLY A 87 27.20 2.38 1.03
CA GLY A 87 27.08 1.34 0.01
C GLY A 87 26.14 1.72 -1.12
N THR A 88 25.71 0.71 -1.87
CA THR A 88 24.88 0.93 -3.04
C THR A 88 23.50 1.46 -2.68
N CYS A 89 22.72 0.66 -1.96
CA CYS A 89 21.33 1.01 -1.66
C CYS A 89 21.17 2.47 -1.31
N VAL A 90 22.08 2.99 -0.49
CA VAL A 90 21.96 4.36 0.02
C VAL A 90 22.35 5.40 -1.04
N ASN A 91 23.50 5.18 -1.68
CA ASN A 91 24.10 6.19 -2.55
C ASN A 91 23.63 6.11 -3.99
N VAL A 92 23.51 4.91 -4.52
CA VAL A 92 23.20 4.71 -5.93
C VAL A 92 22.20 3.59 -6.15
N GLY A 93 21.32 3.38 -5.17
CA GLY A 93 20.36 2.29 -5.23
C GLY A 93 18.97 2.66 -4.74
N CYS A 94 18.48 1.92 -3.76
CA CYS A 94 17.11 2.07 -3.28
C CYS A 94 16.73 3.53 -3.08
N VAL A 95 17.39 4.17 -2.13
CA VAL A 95 17.02 5.53 -1.71
C VAL A 95 16.75 6.45 -2.90
N PRO A 96 17.83 6.83 -3.60
CA PRO A 96 17.70 7.74 -4.74
C PRO A 96 16.66 7.25 -5.74
N LYS A 97 16.71 5.95 -6.06
CA LYS A 97 15.77 5.37 -7.00
C LYS A 97 14.33 5.69 -6.61
N LYS A 98 14.01 5.52 -5.34
CA LYS A 98 12.65 5.76 -4.86
C LYS A 98 12.29 7.24 -4.90
N LEU A 99 13.26 8.10 -4.58
CA LEU A 99 13.04 9.54 -4.64
C LEU A 99 12.77 9.99 -6.07
N MET A 100 13.55 9.47 -7.00
CA MET A 100 13.37 9.79 -8.43
C MET A 100 12.00 9.32 -8.91
N HIS A 101 11.64 8.08 -8.58
CA HIS A 101 10.35 7.53 -8.97
C HIS A 101 9.23 8.42 -8.52
N TYR A 102 9.29 8.85 -7.26
CA TYR A 102 8.24 9.67 -6.68
C TYR A 102 8.09 10.99 -7.44
N ALA A 103 9.21 11.57 -7.85
CA ALA A 103 9.18 12.78 -8.67
C ALA A 103 8.41 12.53 -9.95
N GLY A 104 8.78 11.45 -10.65
CA GLY A 104 8.10 11.08 -11.87
C GLY A 104 6.62 10.79 -11.64
N HIS A 105 6.33 10.16 -10.50
CA HIS A 105 4.95 9.81 -10.18
C HIS A 105 4.08 11.03 -10.05
N MET A 106 4.60 12.05 -9.38
CA MET A 106 3.90 13.33 -9.30
C MET A 106 3.42 13.73 -10.69
N GLY A 107 4.36 13.96 -11.59
CA GLY A 107 4.04 14.32 -12.96
C GLY A 107 2.90 13.49 -13.51
N SER A 108 3.05 12.16 -13.43
CA SER A 108 2.04 11.25 -13.94
C SER A 108 0.66 11.56 -13.35
N ILE A 109 0.64 12.01 -12.11
CA ILE A 109 -0.62 12.41 -11.47
C ILE A 109 -1.12 13.72 -12.05
N PHE A 110 -0.22 14.69 -12.21
CA PHE A 110 -0.56 15.96 -12.81
C PHE A 110 -1.15 15.74 -14.20
N LYS A 111 -0.41 15.03 -15.05
CA LYS A 111 -0.80 14.83 -16.44
C LYS A 111 -2.11 14.08 -16.56
N LEU A 112 -2.20 12.93 -15.90
CA LEU A 112 -3.31 12.00 -16.12
C LEU A 112 -4.58 12.38 -15.34
N ASP A 113 -4.41 12.73 -14.06
CA ASP A 113 -5.55 12.82 -13.15
C ASP A 113 -5.86 14.24 -12.69
N SER A 114 -4.82 15.03 -12.42
CA SER A 114 -4.99 16.35 -11.82
C SER A 114 -6.24 17.08 -12.31
N LYS A 115 -6.26 17.38 -13.62
CA LYS A 115 -7.30 18.21 -14.20
C LYS A 115 -8.69 17.60 -14.04
N ALA A 116 -8.77 16.28 -14.10
CA ALA A 116 -10.05 15.59 -13.99
C ALA A 116 -10.66 15.75 -12.60
N TYR A 117 -9.82 16.10 -11.62
CA TYR A 117 -10.26 16.18 -10.23
C TYR A 117 -10.42 17.62 -9.76
N GLY A 118 -10.46 18.55 -10.71
CA GLY A 118 -10.79 19.94 -10.41
C GLY A 118 -9.59 20.83 -10.14
N TRP A 119 -8.39 20.26 -10.29
CA TRP A 119 -7.16 21.03 -10.08
C TRP A 119 -6.68 21.66 -11.35
N LYS A 120 -6.53 22.97 -11.33
CA LYS A 120 -6.03 23.72 -12.48
C LYS A 120 -4.72 24.41 -12.17
N PHE A 121 -3.86 24.54 -13.17
CA PHE A 121 -2.55 25.19 -12.99
C PHE A 121 -1.95 25.61 -14.33
N ASP A 122 -0.88 26.41 -14.25
CA ASP A 122 -0.26 26.97 -15.45
C ASP A 122 1.25 26.71 -15.48
N ASN A 123 1.78 26.48 -16.67
CA ASN A 123 3.22 26.45 -16.89
C ASN A 123 3.93 25.32 -16.16
N LEU A 124 3.38 24.12 -16.25
CA LEU A 124 3.97 22.95 -15.59
C LEU A 124 5.33 22.61 -16.20
N LYS A 125 6.38 22.70 -15.40
CA LYS A 125 7.73 22.36 -15.85
C LYS A 125 8.50 21.65 -14.74
N HIS A 126 9.54 20.92 -15.11
CA HIS A 126 10.35 20.19 -14.14
C HIS A 126 11.80 20.57 -14.23
N ASP A 127 12.37 20.97 -13.09
CA ASP A 127 13.78 21.32 -13.04
C ASP A 127 14.61 20.14 -12.57
N TRP A 128 15.31 19.50 -13.51
CA TRP A 128 16.12 18.34 -13.20
C TRP A 128 17.11 18.61 -12.10
N LYS A 129 17.77 19.76 -12.19
CA LYS A 129 18.80 20.12 -11.22
C LYS A 129 18.23 20.19 -9.81
N LYS A 130 17.06 20.78 -9.66
CA LYS A 130 16.40 20.88 -8.36
C LYS A 130 16.19 19.50 -7.76
N LEU A 131 15.83 18.54 -8.60
CA LEU A 131 15.57 17.18 -8.14
C LEU A 131 16.83 16.52 -7.60
N VAL A 132 17.91 16.61 -8.35
CA VAL A 132 19.19 16.01 -7.95
C VAL A 132 19.71 16.63 -6.65
N THR A 133 19.61 17.95 -6.54
CA THR A 133 20.06 18.64 -5.35
C THR A 133 19.25 18.22 -4.13
N THR A 134 17.96 17.96 -4.33
CA THR A 134 17.11 17.45 -3.27
C THR A 134 17.48 16.01 -2.92
N VAL A 135 17.59 15.17 -3.95
CA VAL A 135 18.00 13.79 -3.77
C VAL A 135 19.37 13.72 -3.11
N GLN A 136 20.36 14.35 -3.74
CA GLN A 136 21.72 14.29 -3.26
C GLN A 136 21.85 14.83 -1.84
N SER A 137 21.07 15.87 -1.54
CA SER A 137 21.04 16.43 -0.19
C SER A 137 20.66 15.37 0.82
N HIS A 138 19.55 14.68 0.57
CA HIS A 138 19.08 13.62 1.45
C HIS A 138 20.10 12.53 1.56
N ILE A 139 20.64 12.11 0.42
CA ILE A 139 21.65 11.06 0.40
C ILE A 139 22.83 11.40 1.31
N ARG A 140 23.19 12.68 1.35
CA ARG A 140 24.30 13.13 2.19
C ARG A 140 23.91 13.17 3.66
N SER A 141 22.65 13.49 3.95
CA SER A 141 22.16 13.48 5.32
C SER A 141 22.27 12.06 5.90
N LEU A 142 22.10 11.07 5.04
CA LEU A 142 22.29 9.68 5.44
C LEU A 142 23.78 9.36 5.58
N ASN A 143 24.56 9.77 4.59
CA ASN A 143 26.01 9.62 4.65
C ASN A 143 26.55 9.94 6.05
N PHE A 144 26.03 11.01 6.64
CA PHE A 144 26.47 11.45 7.96
C PHE A 144 25.82 10.61 9.06
N SER A 145 24.57 10.24 8.86
CA SER A 145 23.83 9.45 9.83
C SER A 145 24.56 8.14 10.13
N TYR A 146 24.95 7.44 9.08
CA TYR A 146 25.64 6.16 9.22
C TYR A 146 27.00 6.33 9.88
N MET A 147 27.74 7.35 9.45
CA MET A 147 29.04 7.64 10.04
C MET A 147 28.94 7.72 11.57
N THR A 148 28.14 8.67 12.05
CA THR A 148 27.93 8.83 13.49
C THR A 148 27.39 7.56 14.11
N GLY A 149 26.76 6.73 13.29
CA GLY A 149 26.17 5.48 13.77
C GLY A 149 27.21 4.44 14.11
N LEU A 150 28.21 4.28 13.25
CA LEU A 150 29.25 3.28 13.45
C LEU A 150 30.00 3.50 14.75
N ARG A 151 30.59 4.68 14.92
CA ARG A 151 31.30 5.02 16.14
C ARG A 151 30.37 4.92 17.35
N SER A 152 29.10 5.25 17.13
CA SER A 152 28.08 5.09 18.17
C SER A 152 28.00 3.63 18.61
N SER A 153 28.28 2.72 17.68
CA SER A 153 28.29 1.29 17.98
C SER A 153 29.73 0.80 18.13
N LYS A 154 30.66 1.74 18.16
CA LYS A 154 32.08 1.42 18.34
C LYS A 154 32.56 0.35 17.36
N VAL A 155 32.54 0.68 16.07
CA VAL A 155 33.10 -0.19 15.05
C VAL A 155 34.19 0.55 14.27
N LYS A 156 35.45 0.26 14.61
CA LYS A 156 36.59 0.93 13.99
C LYS A 156 36.45 0.96 12.47
N TYR A 157 36.34 2.16 11.92
CA TYR A 157 36.11 2.32 10.48
C TYR A 157 37.29 2.98 9.78
N ILE A 158 37.80 2.33 8.73
CA ILE A 158 38.81 2.92 7.88
C ILE A 158 38.24 3.18 6.49
N ASN A 159 38.51 4.37 5.96
CA ASN A 159 38.07 4.72 4.61
C ASN A 159 39.08 4.32 3.55
N GLY A 160 39.51 3.06 3.59
CA GLY A 160 40.46 2.53 2.61
C GLY A 160 39.96 1.26 1.97
N LEU A 161 40.38 1.02 0.73
CA LEU A 161 39.98 -0.20 0.02
C LEU A 161 40.92 -1.36 0.34
N ALA A 162 40.34 -2.52 0.61
CA ALA A 162 41.11 -3.64 1.16
C ALA A 162 41.42 -4.70 0.11
N LYS A 163 42.32 -5.61 0.47
CA LYS A 163 42.70 -6.73 -0.39
C LYS A 163 43.19 -7.89 0.46
N LEU A 164 42.78 -9.11 0.13
CA LEU A 164 43.15 -10.28 0.91
C LEU A 164 44.65 -10.57 0.82
N LYS A 165 45.27 -10.76 1.99
CA LYS A 165 46.68 -11.12 2.05
C LYS A 165 46.85 -12.61 2.31
N ASP A 166 46.01 -13.16 3.18
CA ASP A 166 46.00 -14.60 3.44
C ASP A 166 44.78 -15.01 4.25
N LYS A 167 44.77 -16.26 4.70
CA LYS A 167 43.58 -16.86 5.32
C LYS A 167 42.93 -15.95 6.37
N ASN A 168 43.74 -15.18 7.08
CA ASN A 168 43.22 -14.25 8.07
C ASN A 168 44.07 -12.98 8.21
N THR A 169 44.58 -12.50 7.09
CA THR A 169 45.30 -11.22 7.04
C THR A 169 44.82 -10.38 5.87
N VAL A 170 44.42 -9.14 6.16
CA VAL A 170 43.92 -8.23 5.13
C VAL A 170 44.84 -7.03 4.95
N SER A 171 45.27 -6.80 3.72
CA SER A 171 46.05 -5.62 3.39
C SER A 171 45.14 -4.54 2.80
N TYR A 172 45.47 -3.28 3.09
CA TYR A 172 44.65 -2.16 2.62
C TYR A 172 45.48 -0.93 2.33
N TYR A 173 44.95 -0.04 1.49
CA TYR A 173 45.64 1.18 1.13
C TYR A 173 44.80 2.41 1.47
N LEU A 174 45.39 3.36 2.19
CA LEU A 174 44.70 4.58 2.59
C LEU A 174 44.34 5.42 1.37
N LYS A 175 43.16 6.03 1.40
CA LYS A 175 42.70 6.87 0.30
C LYS A 175 41.56 7.78 0.74
N LEU A 178 48.89 9.11 -3.22
CA LEU A 178 49.85 8.00 -3.21
C LEU A 178 49.40 6.74 -2.44
N SER A 179 50.34 5.82 -2.20
CA SER A 179 50.01 4.56 -1.56
C SER A 179 51.01 4.10 -0.53
N LYS A 180 50.52 3.50 0.56
CA LYS A 180 51.23 2.52 1.42
C LYS A 180 50.29 1.41 1.77
N GLU A 181 50.82 0.24 2.08
CA GLU A 181 50.01 -0.90 2.42
C GLU A 181 50.12 -1.24 3.87
N GLU A 182 48.97 -1.36 4.50
CA GLU A 182 48.89 -1.71 5.89
C GLU A 182 48.24 -3.06 6.02
N THR A 183 48.79 -3.94 6.84
CA THR A 183 48.21 -5.23 7.04
C THR A 183 47.46 -5.24 8.31
N VAL A 184 46.49 -6.12 8.38
CA VAL A 184 45.72 -6.33 9.59
C VAL A 184 45.28 -7.78 9.69
N THR A 185 45.22 -8.30 10.92
CA THR A 185 44.84 -9.69 11.14
C THR A 185 43.46 -9.79 11.76
N GLY A 186 42.78 -10.91 11.51
CA GLY A 186 41.46 -11.13 12.07
C GLY A 186 41.12 -12.61 12.18
N LYS A 187 40.40 -12.97 13.24
CA LYS A 187 39.98 -14.35 13.43
C LYS A 187 39.01 -14.76 12.32
N TYR A 188 38.02 -13.91 12.07
CA TYR A 188 37.09 -14.14 10.97
C TYR A 188 37.03 -12.93 10.05
N ILE A 189 37.11 -13.16 8.75
CA ILE A 189 37.03 -12.09 7.77
C ILE A 189 35.76 -12.22 6.92
N LEU A 190 35.07 -11.10 6.72
CA LEU A 190 33.86 -11.09 5.92
C LEU A 190 33.99 -10.18 4.70
N ILE A 191 33.62 -10.70 3.54
CA ILE A 191 33.60 -9.91 2.31
C ILE A 191 32.17 -9.55 1.93
N ALA A 192 31.87 -8.26 1.91
CA ALA A 192 30.54 -7.79 1.51
C ALA A 192 30.67 -6.56 0.61
N THR A 193 31.34 -6.73 -0.52
CA THR A 193 31.69 -5.61 -1.40
C THR A 193 30.63 -5.37 -2.46
N GLY A 194 29.61 -6.21 -2.50
CA GLY A 194 28.51 -6.05 -3.45
C GLY A 194 28.97 -6.06 -4.89
N CYS A 195 28.16 -5.46 -5.76
CA CYS A 195 28.45 -5.44 -7.20
C CYS A 195 28.57 -4.02 -7.74
N ARG A 196 28.93 -3.92 -9.01
CA ARG A 196 28.94 -2.64 -9.72
C ARG A 196 28.46 -2.84 -11.15
N PRO A 197 27.71 -1.86 -11.68
CA PRO A 197 27.10 -1.96 -13.00
C PRO A 197 28.06 -2.51 -14.05
N HIS A 198 27.53 -3.21 -15.05
CA HIS A 198 28.35 -3.79 -16.10
C HIS A 198 28.14 -3.08 -17.42
N ILE A 199 29.25 -2.64 -18.01
CA ILE A 199 29.23 -2.12 -19.37
C ILE A 199 30.07 -3.02 -20.27
N PRO A 200 29.54 -3.36 -21.45
CA PRO A 200 30.24 -4.28 -22.36
C PRO A 200 31.52 -3.68 -22.91
N ASP A 201 32.56 -4.49 -23.03
CA ASP A 201 33.85 -4.02 -23.53
C ASP A 201 33.98 -4.21 -25.04
N ASP A 202 33.19 -5.14 -25.58
CA ASP A 202 33.23 -5.42 -27.01
C ASP A 202 32.59 -4.29 -27.81
N VAL A 203 31.65 -3.59 -27.20
CA VAL A 203 30.99 -2.45 -27.84
C VAL A 203 31.85 -1.20 -27.75
N GLU A 204 32.19 -0.65 -28.92
CA GLU A 204 33.11 0.49 -28.99
C GLU A 204 32.47 1.77 -28.44
N GLY A 205 33.21 2.46 -27.56
CA GLY A 205 32.78 3.76 -27.05
C GLY A 205 31.88 3.68 -25.84
N ALA A 206 31.35 2.49 -25.57
CA ALA A 206 30.42 2.31 -24.46
C ALA A 206 30.99 2.81 -23.15
N LYS A 207 32.08 2.19 -22.71
CA LYS A 207 32.69 2.50 -21.41
C LYS A 207 32.91 4.00 -21.23
N GLU A 208 33.35 4.66 -22.30
CA GLU A 208 33.79 6.05 -22.20
C GLU A 208 32.64 7.06 -22.38
N LEU A 209 31.63 6.68 -23.15
CA LEU A 209 30.59 7.62 -23.52
C LEU A 209 29.30 7.46 -22.71
N SER A 210 29.00 6.22 -22.33
CA SER A 210 27.72 5.92 -21.67
C SER A 210 27.81 6.00 -20.16
N ILE A 211 26.66 6.03 -19.49
CA ILE A 211 26.59 6.14 -18.05
C ILE A 211 25.87 4.94 -17.43
N THR A 212 25.86 4.89 -16.10
CA THR A 212 25.17 3.83 -15.37
C THR A 212 24.42 4.40 -14.18
N SER A 213 23.73 3.54 -13.45
CA SER A 213 22.98 3.95 -12.26
C SER A 213 23.90 4.68 -11.28
N ASP A 214 25.17 4.29 -11.27
CA ASP A 214 26.17 4.96 -10.44
C ASP A 214 26.20 6.45 -10.71
N ASP A 215 25.81 6.83 -11.92
CA ASP A 215 26.00 8.20 -12.39
C ASP A 215 24.72 9.02 -12.38
N ILE A 216 23.61 8.40 -12.77
CA ILE A 216 22.37 9.12 -13.04
C ILE A 216 21.83 9.89 -11.85
N PHE A 217 21.89 9.30 -10.67
CA PHE A 217 21.25 9.88 -9.49
C PHE A 217 22.00 11.11 -8.97
N SER A 218 23.07 11.49 -9.66
CA SER A 218 23.82 12.69 -9.31
C SER A 218 24.27 13.41 -10.58
N LEU A 219 23.54 13.20 -11.66
CA LEU A 219 23.90 13.76 -12.96
C LEU A 219 23.75 15.28 -12.97
N LYS A 220 24.82 15.97 -13.31
CA LYS A 220 24.84 17.43 -13.31
C LYS A 220 23.92 17.99 -14.39
N LYS A 221 24.10 17.51 -15.63
CA LYS A 221 23.36 18.04 -16.76
C LYS A 221 22.10 17.22 -17.04
N ASP A 222 21.19 17.79 -17.82
CA ASP A 222 19.97 17.09 -18.21
C ASP A 222 20.27 15.78 -18.93
N PRO A 223 19.48 14.73 -18.63
CA PRO A 223 19.58 13.47 -19.35
C PRO A 223 19.24 13.65 -20.82
N GLY A 224 18.31 14.55 -21.11
CA GLY A 224 17.85 14.78 -22.48
C GLY A 224 17.29 13.51 -23.10
N LYS A 225 17.41 13.40 -24.42
CA LYS A 225 17.00 12.18 -25.11
C LYS A 225 17.81 11.00 -24.60
N THR A 226 17.14 10.07 -23.93
CA THR A 226 17.84 8.99 -23.24
C THR A 226 17.63 7.62 -23.87
N LEU A 227 18.72 6.91 -24.12
CA LEU A 227 18.66 5.52 -24.52
C LEU A 227 19.10 4.63 -23.37
N VAL A 228 18.20 3.76 -22.92
CA VAL A 228 18.52 2.83 -21.85
C VAL A 228 18.69 1.42 -22.37
N VAL A 229 19.90 0.89 -22.26
CA VAL A 229 20.20 -0.45 -22.74
C VAL A 229 20.06 -1.48 -21.60
N GLY A 230 19.19 -2.46 -21.82
CA GLY A 230 18.94 -3.49 -20.80
C GLY A 230 17.47 -3.60 -20.46
N ALA A 231 17.13 -4.63 -19.69
CA ALA A 231 15.74 -4.87 -19.32
C ALA A 231 15.60 -5.24 -17.84
N SER A 232 16.69 -5.08 -17.09
CA SER A 232 16.67 -5.32 -15.66
C SER A 232 15.58 -4.48 -15.00
N TYR A 233 15.23 -4.82 -13.77
CA TYR A 233 14.23 -4.05 -13.03
C TYR A 233 14.75 -2.63 -12.78
N VAL A 234 16.07 -2.49 -12.80
CA VAL A 234 16.70 -1.17 -12.75
C VAL A 234 16.53 -0.46 -14.10
N ALA A 235 16.76 -1.20 -15.18
CA ALA A 235 16.67 -0.65 -16.52
C ALA A 235 15.30 -0.03 -16.78
N LEU A 236 14.25 -0.75 -16.44
CA LEU A 236 12.88 -0.27 -16.66
C LEU A 236 12.54 0.89 -15.72
N GLU A 237 12.86 0.73 -14.44
CA GLU A 237 12.58 1.75 -13.44
C GLU A 237 13.12 3.12 -13.86
N CYS A 238 14.39 3.13 -14.27
CA CYS A 238 15.04 4.38 -14.66
C CYS A 238 14.34 5.02 -15.85
N SER A 239 14.31 4.31 -16.98
CA SER A 239 13.61 4.80 -18.16
C SER A 239 12.18 5.16 -17.83
N GLY A 240 11.64 4.52 -16.79
CA GLY A 240 10.28 4.78 -16.35
C GLY A 240 10.10 6.18 -15.79
N PHE A 241 10.90 6.53 -14.80
CA PHE A 241 10.78 7.82 -14.13
C PHE A 241 11.32 8.95 -15.00
N LEU A 242 12.28 8.64 -15.85
CA LEU A 242 12.74 9.58 -16.86
C LEU A 242 11.58 9.93 -17.79
N ASN A 243 10.88 8.90 -18.25
CA ASN A 243 9.71 9.08 -19.09
C ASN A 243 8.61 9.88 -18.39
N SER A 244 8.32 9.51 -17.15
CA SER A 244 7.30 10.20 -16.37
C SER A 244 7.67 11.67 -16.16
N LEU A 245 8.96 11.95 -16.08
CA LEU A 245 9.44 13.33 -15.96
C LEU A 245 9.26 14.07 -17.29
N GLY A 246 9.21 13.33 -18.38
CA GLY A 246 8.95 13.90 -19.69
C GLY A 246 10.16 13.93 -20.61
N TYR A 247 10.90 12.83 -20.65
CA TYR A 247 12.04 12.71 -21.56
C TYR A 247 11.73 11.73 -22.69
N ASP A 248 12.48 11.85 -23.77
CA ASP A 248 12.34 10.93 -24.90
C ASP A 248 13.18 9.68 -24.68
N VAL A 249 12.65 8.74 -23.89
CA VAL A 249 13.38 7.54 -23.53
C VAL A 249 13.22 6.44 -24.59
N THR A 250 14.20 5.54 -24.64
CA THR A 250 14.16 4.42 -25.57
C THR A 250 14.91 3.23 -24.98
N VAL A 251 14.20 2.12 -24.83
CA VAL A 251 14.77 0.94 -24.20
C VAL A 251 15.09 -0.16 -25.22
N ALA A 252 16.37 -0.47 -25.36
CA ALA A 252 16.81 -1.52 -26.28
C ALA A 252 17.01 -2.84 -25.55
N VAL A 253 16.10 -3.78 -25.78
CA VAL A 253 16.15 -5.08 -25.11
C VAL A 253 16.59 -6.18 -26.06
N ARG A 254 17.32 -7.16 -25.54
CA ARG A 254 17.70 -8.33 -26.30
C ARG A 254 16.46 -9.12 -26.74
N SER A 255 15.70 -9.60 -25.77
CA SER A 255 14.50 -10.38 -26.05
C SER A 255 13.30 -10.00 -25.16
N ILE A 256 13.41 -10.30 -23.86
CA ILE A 256 12.32 -10.08 -22.92
C ILE A 256 12.72 -9.16 -21.78
N VAL A 257 11.73 -8.60 -21.10
CA VAL A 257 11.96 -7.70 -19.98
C VAL A 257 11.85 -8.44 -18.65
N LEU A 258 12.57 -7.96 -17.64
CA LEU A 258 12.47 -8.51 -16.30
C LEU A 258 12.55 -10.04 -16.30
N ARG A 259 13.59 -10.58 -16.91
CA ARG A 259 13.83 -12.01 -16.87
C ARG A 259 14.04 -12.46 -15.42
N GLY A 260 13.24 -13.43 -14.98
CA GLY A 260 13.33 -13.92 -13.61
C GLY A 260 12.01 -13.78 -12.87
N PHE A 261 11.18 -12.84 -13.33
CA PHE A 261 9.86 -12.64 -12.75
C PHE A 261 8.79 -13.31 -13.62
N ASP A 262 7.53 -13.21 -13.20
CA ASP A 262 6.44 -13.80 -13.94
C ASP A 262 6.20 -13.04 -15.25
N GLN A 263 6.47 -13.71 -16.37
CA GLN A 263 6.42 -13.06 -17.68
C GLN A 263 5.04 -12.49 -17.99
N GLN A 264 3.99 -13.19 -17.59
CA GLN A 264 2.63 -12.72 -17.82
C GLN A 264 2.49 -11.28 -17.34
N CYS A 265 3.12 -10.98 -16.20
CA CYS A 265 3.09 -9.63 -15.65
C CYS A 265 4.13 -8.74 -16.32
N ALA A 266 5.31 -9.30 -16.57
CA ALA A 266 6.38 -8.55 -17.23
C ALA A 266 5.91 -8.00 -18.58
N VAL A 267 4.95 -8.69 -19.18
CA VAL A 267 4.37 -8.23 -20.45
C VAL A 267 3.42 -7.07 -20.21
N LYS A 268 2.64 -7.15 -19.14
CA LYS A 268 1.75 -6.06 -18.75
C LYS A 268 2.54 -4.78 -18.50
N VAL A 269 3.60 -4.91 -17.69
CA VAL A 269 4.41 -3.76 -17.33
C VAL A 269 5.00 -3.09 -18.57
N LYS A 270 5.49 -3.89 -19.50
CA LYS A 270 6.05 -3.36 -20.73
C LYS A 270 4.99 -2.65 -21.56
N LEU A 271 3.84 -3.30 -21.72
CA LEU A 271 2.75 -2.73 -22.49
C LEU A 271 2.35 -1.36 -21.94
N TYR A 272 2.17 -1.28 -20.63
CA TYR A 272 1.78 -0.04 -19.97
C TYR A 272 2.83 1.05 -20.18
N MET A 273 4.10 0.70 -20.02
CA MET A 273 5.19 1.64 -20.23
C MET A 273 5.18 2.17 -21.66
N GLU A 274 4.78 1.32 -22.60
CA GLU A 274 4.69 1.71 -24.00
C GLU A 274 3.57 2.73 -24.21
N GLU A 275 2.43 2.49 -23.57
CA GLU A 275 1.29 3.39 -23.67
C GLU A 275 1.61 4.75 -23.07
N GLN A 276 2.58 4.78 -22.17
CA GLN A 276 2.95 6.02 -21.48
C GLN A 276 4.00 6.81 -22.25
N GLY A 277 4.51 6.23 -23.33
CA GLY A 277 5.40 6.95 -24.25
C GLY A 277 6.80 6.37 -24.34
N VAL A 278 7.05 5.28 -23.64
CA VAL A 278 8.35 4.63 -23.69
C VAL A 278 8.52 3.81 -24.96
N MET A 279 9.55 4.11 -25.73
CA MET A 279 9.82 3.40 -26.98
C MET A 279 10.79 2.25 -26.75
N PHE A 280 10.34 1.04 -27.08
CA PHE A 280 11.20 -0.15 -26.97
C PHE A 280 11.77 -0.55 -28.33
N LYS A 281 13.07 -0.80 -28.36
CA LYS A 281 13.70 -1.39 -29.54
C LYS A 281 13.94 -2.87 -29.30
N ASN A 282 13.01 -3.69 -29.77
CA ASN A 282 13.04 -5.12 -29.48
C ASN A 282 14.09 -5.87 -30.29
N GLY A 283 14.95 -6.60 -29.59
CA GLY A 283 15.98 -7.41 -30.24
C GLY A 283 17.02 -6.58 -30.98
N ILE A 284 17.13 -5.32 -30.60
CA ILE A 284 18.09 -4.41 -31.23
C ILE A 284 18.99 -3.76 -30.19
N LEU A 285 20.30 -3.93 -30.33
CA LEU A 285 21.24 -3.38 -29.38
C LEU A 285 22.34 -2.59 -30.09
N PRO A 286 22.91 -1.60 -29.38
CA PRO A 286 24.00 -0.78 -29.90
C PRO A 286 25.24 -1.63 -30.19
N LYS A 287 25.88 -1.37 -31.32
CA LYS A 287 27.13 -2.04 -31.66
C LYS A 287 28.32 -1.06 -31.59
N LYS A 288 28.01 0.22 -31.48
CA LYS A 288 29.05 1.25 -31.40
C LYS A 288 28.48 2.60 -30.99
N LEU A 289 29.24 3.33 -30.19
CA LEU A 289 28.86 4.68 -29.77
C LEU A 289 29.91 5.71 -30.18
N THR A 290 29.46 6.78 -30.82
CA THR A 290 30.36 7.80 -31.33
C THR A 290 29.98 9.18 -30.81
N LYS A 291 30.98 10.04 -30.62
CA LYS A 291 30.76 11.40 -30.13
C LYS A 291 30.44 12.34 -31.29
N MET A 292 29.55 13.30 -31.03
CA MET A 292 29.20 14.29 -32.04
C MET A 292 28.47 15.50 -31.45
N ASP A 293 29.22 16.58 -31.24
CA ASP A 293 28.64 17.84 -30.82
C ASP A 293 27.68 17.68 -29.65
N ASP A 294 28.17 17.15 -28.54
CA ASP A 294 27.39 17.03 -27.32
C ASP A 294 26.32 15.95 -27.42
N LYS A 295 26.29 15.26 -28.55
CA LYS A 295 25.37 14.14 -28.73
C LYS A 295 26.13 12.85 -29.03
N ILE A 296 25.44 11.73 -28.88
CA ILE A 296 26.05 10.42 -29.09
C ILE A 296 25.37 9.65 -30.21
N LEU A 297 26.10 9.40 -31.28
CA LEU A 297 25.58 8.61 -32.39
C LEU A 297 25.65 7.12 -32.08
N VAL A 298 24.49 6.53 -31.78
CA VAL A 298 24.42 5.12 -31.44
C VAL A 298 24.06 4.28 -32.66
N GLU A 299 25.00 3.45 -33.10
CA GLU A 299 24.75 2.55 -34.22
C GLU A 299 24.28 1.19 -33.71
N PHE A 300 23.04 0.86 -34.03
CA PHE A 300 22.44 -0.39 -33.55
C PHE A 300 22.78 -1.57 -34.45
N SER A 301 22.49 -2.77 -33.97
CA SER A 301 22.63 -3.97 -34.78
C SER A 301 21.68 -3.89 -35.97
N ASP A 302 20.68 -3.02 -35.84
CA ASP A 302 19.65 -2.85 -36.86
C ASP A 302 20.26 -2.40 -38.18
N LYS A 303 21.49 -1.90 -38.12
CA LYS A 303 22.07 -1.16 -39.23
C LYS A 303 21.50 0.25 -39.26
N THR A 304 20.65 0.54 -38.28
CA THR A 304 20.13 1.88 -38.08
C THR A 304 20.99 2.62 -37.07
N SER A 305 21.30 3.88 -37.35
CA SER A 305 22.11 4.69 -36.44
C SER A 305 21.40 5.99 -36.06
N GLU A 306 20.99 6.08 -34.81
CA GLU A 306 20.32 7.26 -34.30
C GLU A 306 21.15 7.91 -33.19
N LEU A 307 20.92 9.18 -32.93
CA LEU A 307 21.72 9.91 -31.94
C LEU A 307 20.91 10.33 -30.71
N TYR A 308 21.50 10.12 -29.54
CA TYR A 308 20.86 10.46 -28.28
C TYR A 308 21.68 11.48 -27.50
N ASP A 309 21.10 12.01 -26.43
CA ASP A 309 21.81 12.93 -25.54
C ASP A 309 22.54 12.16 -24.44
N THR A 310 21.94 11.05 -24.02
CA THR A 310 22.49 10.26 -22.92
C THR A 310 22.16 8.78 -23.07
N VAL A 311 23.19 7.95 -23.03
CA VAL A 311 23.01 6.50 -23.13
C VAL A 311 23.34 5.82 -21.80
N LEU A 312 22.33 5.19 -21.20
CA LEU A 312 22.49 4.56 -19.90
C LEU A 312 22.48 3.03 -20.02
N TYR A 313 23.49 2.39 -19.44
CA TYR A 313 23.57 0.93 -19.45
C TYR A 313 23.05 0.33 -18.15
N ALA A 314 22.16 -0.64 -18.29
CA ALA A 314 21.63 -1.38 -17.14
C ALA A 314 21.40 -2.83 -17.52
N ILE A 315 22.39 -3.44 -18.15
CA ILE A 315 22.28 -4.81 -18.63
C ILE A 315 22.65 -5.82 -17.55
N GLY A 316 22.93 -5.33 -16.35
CA GLY A 316 23.26 -6.19 -15.22
C GLY A 316 24.46 -5.71 -14.42
N ARG A 317 24.63 -6.27 -13.23
CA ARG A 317 25.77 -5.91 -12.38
C ARG A 317 26.60 -7.14 -12.03
N LYS A 318 27.91 -6.97 -12.00
CA LYS A 318 28.82 -8.07 -11.66
C LYS A 318 29.54 -7.79 -10.35
N GLY A 319 29.78 -8.84 -9.58
CA GLY A 319 30.38 -8.71 -8.25
C GLY A 319 31.74 -8.05 -8.26
N ASP A 320 31.92 -7.08 -7.37
CA ASP A 320 33.20 -6.39 -7.25
C ASP A 320 34.19 -7.21 -6.43
N ILE A 321 34.89 -8.11 -7.12
CA ILE A 321 35.79 -9.05 -6.45
C ILE A 321 37.19 -9.00 -7.05
N ASP A 322 37.29 -8.49 -8.27
CA ASP A 322 38.54 -8.55 -9.04
C ASP A 322 39.77 -8.12 -8.23
N GLY A 323 39.61 -7.07 -7.43
CA GLY A 323 40.75 -6.47 -6.74
C GLY A 323 40.95 -6.98 -5.32
N LEU A 324 40.39 -8.14 -5.02
CA LEU A 324 40.46 -8.70 -3.67
C LEU A 324 41.60 -9.70 -3.51
N ASN A 325 42.17 -10.14 -4.63
CA ASN A 325 43.26 -11.11 -4.61
C ASN A 325 42.78 -12.51 -4.25
N LEU A 326 41.47 -12.71 -4.31
CA LEU A 326 40.86 -13.98 -3.94
C LEU A 326 41.51 -15.16 -4.66
N GLU A 327 41.84 -14.97 -5.92
CA GLU A 327 42.44 -16.04 -6.72
C GLU A 327 43.77 -16.49 -6.13
N SER A 328 44.22 -15.78 -5.10
CA SER A 328 45.44 -16.14 -4.39
C SER A 328 45.18 -17.26 -3.39
N LEU A 329 43.94 -17.33 -2.91
CA LEU A 329 43.55 -18.37 -1.97
C LEU A 329 42.63 -19.38 -2.65
N ASN A 330 42.70 -19.44 -3.97
CA ASN A 330 41.85 -20.33 -4.75
C ASN A 330 40.42 -20.34 -4.25
N MET A 331 39.81 -19.17 -4.21
CA MET A 331 38.42 -19.01 -3.78
C MET A 331 37.46 -19.58 -4.83
N ASN A 332 36.33 -20.09 -4.36
CA ASN A 332 35.26 -20.52 -5.25
C ASN A 332 34.41 -19.36 -5.71
N VAL A 333 34.59 -18.95 -6.96
CA VAL A 333 33.86 -17.81 -7.51
C VAL A 333 33.06 -18.22 -8.73
N ASN A 334 31.88 -17.63 -8.88
CA ASN A 334 31.08 -17.84 -10.09
C ASN A 334 31.60 -16.96 -11.23
N LYS A 335 32.03 -17.62 -12.30
CA LYS A 335 32.83 -16.96 -13.34
C LYS A 335 32.03 -15.94 -14.15
N SER A 336 30.75 -16.25 -14.40
CA SER A 336 29.94 -15.43 -15.27
C SER A 336 29.65 -14.04 -14.68
N ASN A 337 29.54 -13.96 -13.36
CA ASN A 337 29.15 -12.71 -12.70
C ASN A 337 30.16 -12.20 -11.67
N ASN A 338 31.27 -12.91 -11.52
CA ASN A 338 32.31 -12.49 -10.59
C ASN A 338 31.86 -12.49 -9.13
N LYS A 339 30.96 -13.42 -8.79
CA LYS A 339 30.45 -13.51 -7.44
C LYS A 339 31.14 -14.63 -6.64
N ILE A 340 31.25 -14.43 -5.33
CA ILE A 340 31.73 -15.47 -4.44
C ILE A 340 30.68 -16.56 -4.31
N ILE A 341 31.14 -17.81 -4.29
CA ILE A 341 30.24 -18.94 -4.01
C ILE A 341 30.09 -19.12 -2.51
N ALA A 342 28.85 -19.12 -2.04
CA ALA A 342 28.57 -19.06 -0.61
C ALA A 342 27.88 -20.31 -0.09
N ASP A 343 28.16 -20.64 1.17
CA ASP A 343 27.48 -21.73 1.85
C ASP A 343 26.09 -21.26 2.28
N HIS A 344 25.20 -22.21 2.55
CA HIS A 344 23.93 -21.89 3.19
C HIS A 344 24.22 -21.14 4.45
N LEU A 345 25.40 -21.38 5.01
CA LEU A 345 25.82 -20.73 6.25
C LEU A 345 26.75 -19.56 5.96
N SER A 346 26.79 -19.13 4.70
CA SER A 346 27.59 -17.98 4.30
C SER A 346 29.09 -18.29 4.39
N CYS A 347 29.46 -19.52 4.06
CA CYS A 347 30.86 -19.95 4.16
CA CYS A 347 30.80 -19.99 4.09
C CYS A 347 31.53 -20.05 2.79
N THR A 348 32.82 -19.70 2.76
CA THR A 348 33.62 -19.88 1.56
C THR A 348 34.39 -21.19 1.62
N ASN A 349 35.36 -21.36 0.73
CA ASN A 349 36.27 -22.49 0.81
C ASN A 349 37.27 -22.28 1.93
N ILE A 350 37.56 -21.02 2.23
CA ILE A 350 38.42 -20.67 3.34
C ILE A 350 37.59 -20.38 4.59
N PRO A 351 37.60 -21.34 5.53
CA PRO A 351 36.74 -21.32 6.72
C PRO A 351 36.87 -20.04 7.55
N SER A 352 37.99 -19.35 7.41
CA SER A 352 38.23 -18.13 8.17
C SER A 352 37.61 -16.90 7.49
N ILE A 353 37.18 -17.08 6.24
CA ILE A 353 36.61 -15.98 5.47
C ILE A 353 35.17 -16.29 5.06
N PHE A 354 34.30 -15.30 5.18
CA PHE A 354 32.89 -15.45 4.82
C PHE A 354 32.47 -14.41 3.79
N ALA A 355 31.35 -14.67 3.12
CA ALA A 355 30.84 -13.76 2.09
C ALA A 355 29.35 -13.56 2.23
N VAL A 356 28.90 -12.31 2.08
CA VAL A 356 27.49 -11.99 2.24
C VAL A 356 27.07 -10.84 1.31
N GLY A 357 25.77 -10.63 1.19
CA GLY A 357 25.24 -9.48 0.46
C GLY A 357 25.02 -9.75 -1.01
N ASP A 358 25.65 -8.96 -1.86
CA ASP A 358 25.47 -9.09 -3.31
C ASP A 358 26.61 -9.87 -3.95
N VAL A 359 27.74 -9.96 -3.25
CA VAL A 359 28.89 -10.69 -3.76
C VAL A 359 28.63 -12.19 -3.75
N ALA A 360 27.76 -12.64 -2.86
CA ALA A 360 27.43 -14.05 -2.76
C ALA A 360 26.53 -14.50 -3.91
N GLU A 361 26.79 -15.69 -4.43
CA GLU A 361 26.04 -16.21 -5.57
C GLU A 361 24.62 -16.59 -5.18
N ASN A 362 23.69 -16.44 -6.11
CA ASN A 362 22.31 -16.86 -5.93
C ASN A 362 21.62 -16.20 -4.73
N VAL A 363 22.28 -15.20 -4.15
CA VAL A 363 21.69 -14.43 -3.06
C VAL A 363 21.03 -13.16 -3.59
N PRO A 364 19.70 -13.08 -3.47
CA PRO A 364 18.90 -11.98 -4.00
C PRO A 364 19.46 -10.61 -3.63
N GLU A 365 19.49 -9.70 -4.59
CA GLU A 365 20.11 -8.40 -4.39
C GLU A 365 19.14 -7.39 -3.78
N LEU A 366 18.85 -7.58 -2.49
CA LEU A 366 18.02 -6.64 -1.74
C LEU A 366 18.72 -6.22 -0.46
N ALA A 367 18.60 -4.93 -0.11
CA ALA A 367 19.26 -4.39 1.07
C ALA A 367 18.90 -5.18 2.33
N PRO A 368 17.61 -5.48 2.51
CA PRO A 368 17.14 -6.24 3.66
C PRO A 368 17.70 -7.66 3.66
N VAL A 369 17.75 -8.29 2.49
CA VAL A 369 18.27 -9.64 2.36
C VAL A 369 19.74 -9.71 2.72
N ALA A 370 20.44 -8.58 2.60
CA ALA A 370 21.86 -8.51 2.90
C ALA A 370 22.11 -8.24 4.38
N ILE A 371 21.18 -7.50 5.00
CA ILE A 371 21.28 -7.20 6.42
C ILE A 371 21.03 -8.45 7.26
N LYS A 372 19.84 -9.03 7.11
CA LYS A 372 19.48 -10.24 7.84
C LYS A 372 20.55 -11.31 7.66
N ALA A 373 21.08 -11.42 6.45
CA ALA A 373 22.12 -12.39 6.16
C ALA A 373 23.42 -12.07 6.88
N GLY A 374 23.67 -10.77 7.07
CA GLY A 374 24.90 -10.32 7.71
C GLY A 374 24.79 -10.28 9.23
N GLU A 375 23.57 -10.26 9.73
CA GLU A 375 23.32 -10.20 11.16
C GLU A 375 23.29 -11.59 11.78
N ILE A 376 22.78 -12.56 11.02
CA ILE A 376 22.80 -13.95 11.44
C ILE A 376 24.24 -14.44 11.51
N LEU A 377 25.01 -14.20 10.45
CA LEU A 377 26.41 -14.59 10.42
C LEU A 377 27.15 -14.11 11.66
N ALA A 378 26.81 -12.91 12.12
CA ALA A 378 27.44 -12.33 13.31
C ALA A 378 27.10 -13.18 14.54
N ARG A 379 25.81 -13.31 14.84
CA ARG A 379 25.36 -14.18 15.90
C ARG A 379 26.01 -15.55 15.76
N ARG A 380 25.82 -16.16 14.59
CA ARG A 380 26.42 -17.44 14.26
C ARG A 380 27.87 -17.51 14.74
N LEU A 381 28.59 -16.41 14.55
CA LEU A 381 30.02 -16.38 14.86
C LEU A 381 30.29 -16.09 16.33
N PHE A 382 29.61 -15.08 16.87
CA PHE A 382 29.99 -14.51 18.16
C PHE A 382 29.00 -14.77 19.29
N LYS A 383 27.82 -15.28 18.94
CA LYS A 383 26.84 -15.63 19.97
C LYS A 383 26.39 -17.08 19.82
N ASP A 384 27.29 -17.92 19.32
CA ASP A 384 27.01 -19.34 19.16
C ASP A 384 25.57 -19.59 18.73
N SER A 385 25.10 -18.79 17.78
CA SER A 385 23.73 -18.92 17.28
C SER A 385 23.61 -20.14 16.36
N ASP A 386 22.48 -20.82 16.44
CA ASP A 386 22.23 -22.01 15.63
C ASP A 386 21.28 -21.70 14.47
N GLU A 387 20.95 -20.43 14.31
CA GLU A 387 19.98 -20.00 13.30
C GLU A 387 20.61 -19.90 11.91
N ILE A 388 19.81 -20.19 10.88
CA ILE A 388 20.26 -20.08 9.50
C ILE A 388 19.37 -19.12 8.71
N MET A 389 19.95 -18.47 7.71
CA MET A 389 19.24 -17.49 6.91
C MET A 389 18.25 -18.16 5.94
N ASP A 390 16.98 -17.81 6.07
CA ASP A 390 15.96 -18.29 5.15
C ASP A 390 15.78 -17.33 3.98
N TYR A 391 15.86 -17.86 2.76
CA TYR A 391 15.82 -17.02 1.57
C TYR A 391 14.48 -17.09 0.84
N SER A 392 13.60 -17.97 1.31
CA SER A 392 12.35 -18.23 0.62
C SER A 392 11.30 -17.15 0.89
N TYR A 393 10.46 -16.89 -0.12
CA TYR A 393 9.36 -15.94 0.02
C TYR A 393 9.82 -14.56 0.45
N ILE A 394 10.78 -14.00 -0.28
CA ILE A 394 11.20 -12.61 -0.07
C ILE A 394 10.57 -11.71 -1.13
N PRO A 395 9.90 -10.64 -0.69
CA PRO A 395 9.14 -9.77 -1.58
C PRO A 395 10.00 -8.70 -2.23
N THR A 396 9.81 -8.52 -3.53
CA THR A 396 10.44 -7.42 -4.25
C THR A 396 9.37 -6.50 -4.84
N SER A 397 9.74 -5.24 -5.05
CA SER A 397 8.82 -4.28 -5.66
C SER A 397 9.53 -3.49 -6.75
N ILE A 398 9.01 -3.56 -7.97
CA ILE A 398 9.57 -2.81 -9.09
C ILE A 398 8.83 -1.49 -9.27
N TYR A 399 9.56 -0.39 -9.17
CA TYR A 399 8.94 0.94 -9.15
C TYR A 399 8.85 1.54 -10.55
N THR A 400 8.44 0.72 -11.51
CA THR A 400 8.15 1.19 -12.86
C THR A 400 6.86 2.02 -12.84
N PRO A 401 6.59 2.74 -13.94
CA PRO A 401 5.38 3.54 -14.05
C PRO A 401 4.20 2.85 -13.38
N ILE A 402 3.93 1.60 -13.78
CA ILE A 402 2.98 0.75 -13.08
C ILE A 402 3.73 -0.19 -12.15
N GLU A 403 3.49 -0.06 -10.85
CA GLU A 403 4.21 -0.83 -9.84
C GLU A 403 3.94 -2.33 -9.98
N TYR A 404 5.00 -3.13 -9.87
CA TYR A 404 4.87 -4.58 -9.93
C TYR A 404 5.63 -5.25 -8.78
N GLY A 405 4.88 -5.68 -7.77
CA GLY A 405 5.46 -6.38 -6.63
C GLY A 405 5.30 -7.89 -6.75
N ALA A 406 6.36 -8.62 -6.45
CA ALA A 406 6.34 -10.07 -6.56
C ALA A 406 6.89 -10.76 -5.32
N CYS A 407 6.40 -11.96 -5.05
CA CYS A 407 6.87 -12.75 -3.91
C CYS A 407 6.57 -14.22 -4.13
N GLY A 408 7.62 -15.04 -4.06
CA GLY A 408 7.48 -16.47 -4.29
C GLY A 408 7.83 -16.86 -5.73
N TYR A 409 7.69 -18.14 -6.03
CA TYR A 409 8.11 -18.67 -7.33
C TYR A 409 7.25 -18.13 -8.47
N SER A 410 7.87 -17.95 -9.63
CA SER A 410 7.16 -17.49 -10.82
C SER A 410 6.30 -18.61 -11.41
N GLU A 411 5.39 -18.25 -12.31
CA GLU A 411 4.51 -19.22 -12.92
C GLU A 411 5.28 -20.29 -13.68
N GLU A 412 6.28 -19.85 -14.45
CA GLU A 412 7.14 -20.78 -15.17
C GLU A 412 8.06 -21.53 -14.20
N LYS A 413 8.55 -20.81 -13.20
CA LYS A 413 9.35 -21.43 -12.15
C LYS A 413 8.56 -22.52 -11.42
N ALA A 414 7.31 -22.20 -11.10
CA ALA A 414 6.44 -23.14 -10.39
C ALA A 414 6.26 -24.42 -11.19
N TYR A 415 5.94 -24.28 -12.47
CA TYR A 415 5.71 -25.44 -13.34
C TYR A 415 6.92 -26.34 -13.40
N GLU A 416 8.08 -25.76 -13.74
CA GLU A 416 9.30 -26.54 -13.88
C GLU A 416 9.65 -27.28 -12.59
N LEU A 417 9.25 -26.72 -11.46
CA LEU A 417 9.54 -27.33 -10.16
C LEU A 417 8.47 -28.33 -9.72
N TYR A 418 7.20 -28.00 -9.98
CA TYR A 418 6.10 -28.76 -9.40
C TYR A 418 5.25 -29.49 -10.44
N GLY A 419 5.25 -28.99 -11.66
CA GLY A 419 4.42 -29.58 -12.72
C GLY A 419 3.10 -28.85 -12.90
N LYS A 420 2.61 -28.81 -14.13
CA LYS A 420 1.42 -28.03 -14.45
C LYS A 420 0.16 -28.62 -13.84
N SER A 421 0.05 -29.94 -13.85
CA SER A 421 -1.08 -30.62 -13.23
C SER A 421 -1.09 -30.38 -11.73
N ASN A 422 0.10 -30.25 -11.15
CA ASN A 422 0.24 -30.00 -9.72
C ASN A 422 -0.18 -28.60 -9.32
N VAL A 423 0.13 -27.63 -10.18
CA VAL A 423 -0.06 -26.22 -9.84
C VAL A 423 -1.25 -25.61 -10.58
N GLU A 424 -2.07 -24.88 -9.83
CA GLU A 424 -3.13 -24.08 -10.44
C GLU A 424 -2.94 -22.59 -10.14
N VAL A 425 -3.48 -21.74 -11.01
CA VAL A 425 -3.33 -20.31 -10.87
C VAL A 425 -4.68 -19.61 -10.78
N PHE A 426 -4.72 -18.52 -10.01
CA PHE A 426 -5.95 -17.74 -9.86
C PHE A 426 -5.68 -16.26 -10.05
N LEU A 427 -6.58 -15.59 -10.76
CA LEU A 427 -6.45 -14.16 -11.03
C LEU A 427 -7.59 -13.38 -10.37
N GLN A 428 -7.24 -12.32 -9.65
CA GLN A 428 -8.23 -11.49 -8.98
C GLN A 428 -8.75 -10.39 -9.91
N THR A 458 -5.48 -3.21 -13.15
CA THR A 458 -4.76 -2.71 -11.98
C THR A 458 -5.40 -3.21 -10.69
N CYS A 459 -6.35 -4.13 -10.83
CA CYS A 459 -7.01 -4.74 -9.69
C CYS A 459 -6.78 -6.25 -9.71
N LEU A 460 -5.84 -6.69 -10.54
CA LEU A 460 -5.65 -8.10 -10.82
C LEU A 460 -4.37 -8.64 -10.19
N ALA A 461 -4.51 -9.73 -9.42
CA ALA A 461 -3.37 -10.39 -8.81
C ALA A 461 -3.26 -11.85 -9.25
N LYS A 462 -2.04 -12.30 -9.49
CA LYS A 462 -1.80 -13.68 -9.93
C LYS A 462 -1.39 -14.56 -8.76
N LEU A 463 -2.16 -15.63 -8.54
CA LEU A 463 -1.87 -16.58 -7.46
C LEU A 463 -1.41 -17.92 -8.02
N VAL A 464 -0.20 -18.33 -7.66
CA VAL A 464 0.34 -19.61 -8.09
C VAL A 464 0.43 -20.57 -6.91
N CYS A 465 -0.55 -21.47 -6.81
CA CYS A 465 -0.65 -22.36 -5.66
C CYS A 465 -0.58 -23.84 -6.05
N LEU A 466 -0.32 -24.69 -5.06
CA LEU A 466 -0.19 -26.12 -5.27
C LEU A 466 -1.54 -26.82 -5.24
N LYS A 467 -1.84 -27.59 -6.29
CA LYS A 467 -3.06 -28.39 -6.34
C LYS A 467 -3.09 -29.42 -5.22
N ASN A 468 -2.00 -30.15 -5.07
CA ASN A 468 -1.98 -31.37 -4.26
C ASN A 468 -2.05 -31.12 -2.75
N GLU A 469 -1.52 -29.99 -2.30
CA GLU A 469 -1.54 -29.67 -0.87
C GLU A 469 -2.41 -28.45 -0.56
N ASP A 470 -3.72 -28.59 -0.76
CA ASP A 470 -4.68 -27.59 -0.34
C ASP A 470 -4.43 -26.23 -0.98
N ASN A 471 -3.96 -26.24 -2.22
CA ASN A 471 -3.72 -25.00 -2.96
C ASN A 471 -2.92 -23.97 -2.15
N ARG A 472 -1.86 -24.43 -1.50
CA ARG A 472 -0.97 -23.53 -0.77
C ARG A 472 -0.24 -22.63 -1.76
N VAL A 473 -0.34 -21.31 -1.55
CA VAL A 473 0.26 -20.34 -2.45
C VAL A 473 1.78 -20.42 -2.42
N ILE A 474 2.39 -20.34 -3.60
CA ILE A 474 3.84 -20.37 -3.71
C ILE A 474 4.35 -19.13 -4.44
N GLY A 475 3.42 -18.41 -5.08
CA GLY A 475 3.76 -17.19 -5.80
C GLY A 475 2.63 -16.18 -5.77
N PHE A 476 2.96 -14.95 -5.40
CA PHE A 476 1.99 -13.86 -5.41
C PHE A 476 2.51 -12.68 -6.23
N HIS A 477 1.82 -12.39 -7.33
CA HIS A 477 2.24 -11.31 -8.22
C HIS A 477 1.14 -10.31 -8.43
N TYR A 478 1.42 -9.07 -8.04
CA TYR A 478 0.43 -8.01 -8.16
C TYR A 478 0.99 -6.80 -8.91
N VAL A 479 0.41 -6.52 -10.07
CA VAL A 479 0.72 -5.30 -10.82
C VAL A 479 -0.37 -4.27 -10.56
N GLY A 480 -0.10 -3.33 -9.66
CA GLY A 480 -1.08 -2.33 -9.28
C GLY A 480 -0.47 -1.05 -8.75
N PRO A 481 -1.33 -0.11 -8.30
CA PRO A 481 -0.90 1.20 -7.82
C PRO A 481 0.19 1.10 -6.76
N ASN A 482 -0.05 0.30 -5.73
CA ASN A 482 0.92 0.16 -4.64
C ASN A 482 1.34 -1.30 -4.43
N ALA A 483 1.97 -1.88 -5.45
CA ALA A 483 2.40 -3.27 -5.39
C ALA A 483 3.29 -3.54 -4.17
N GLY A 484 4.26 -2.65 -3.96
CA GLY A 484 5.21 -2.80 -2.86
C GLY A 484 4.55 -3.11 -1.54
N GLU A 485 3.53 -2.32 -1.18
CA GLU A 485 2.82 -2.50 0.07
C GLU A 485 2.07 -3.84 0.08
N VAL A 486 1.27 -4.06 -0.95
CA VAL A 486 0.47 -5.27 -1.05
C VAL A 486 1.33 -6.52 -1.00
N THR A 487 2.41 -6.53 -1.77
CA THR A 487 3.32 -7.66 -1.81
C THR A 487 3.96 -7.91 -0.45
N GLN A 488 4.43 -6.84 0.18
CA GLN A 488 5.03 -6.92 1.50
C GLN A 488 4.13 -7.68 2.47
N GLY A 489 2.89 -7.21 2.59
CA GLY A 489 1.93 -7.83 3.49
C GLY A 489 1.69 -9.29 3.16
N MET A 490 1.26 -9.56 1.94
CA MET A 490 0.95 -10.92 1.51
C MET A 490 2.15 -11.85 1.66
N ALA A 491 3.35 -11.27 1.65
CA ALA A 491 4.58 -12.05 1.81
C ALA A 491 4.57 -12.83 3.11
N LEU A 492 4.31 -12.13 4.21
CA LEU A 492 4.24 -12.75 5.53
C LEU A 492 3.22 -13.89 5.53
N ALA A 493 2.10 -13.67 4.84
CA ALA A 493 1.05 -14.67 4.76
C ALA A 493 1.57 -15.98 4.15
N LEU A 494 2.33 -15.85 3.07
CA LEU A 494 2.90 -17.02 2.41
C LEU A 494 3.77 -17.83 3.36
N ARG A 495 4.58 -17.13 4.16
CA ARG A 495 5.43 -17.79 5.14
C ARG A 495 4.61 -18.56 6.16
N LEU A 496 3.39 -18.10 6.41
CA LEU A 496 2.47 -18.78 7.31
C LEU A 496 1.76 -19.92 6.60
N LYS A 497 2.14 -20.17 5.36
CA LYS A 497 1.55 -21.24 4.56
C LYS A 497 0.07 -21.00 4.32
N VAL A 498 -0.24 -19.95 3.56
CA VAL A 498 -1.62 -19.61 3.25
C VAL A 498 -2.19 -20.51 2.15
N LYS A 499 -3.50 -20.49 2.00
CA LYS A 499 -4.17 -21.28 0.98
C LYS A 499 -5.15 -20.41 0.19
N LYS A 500 -5.40 -20.80 -1.06
CA LYS A 500 -6.42 -20.13 -1.87
C LYS A 500 -7.75 -20.15 -1.12
N LYS A 501 -7.95 -21.18 -0.31
CA LYS A 501 -9.13 -21.30 0.51
C LYS A 501 -9.18 -20.15 1.52
N ASP A 502 -8.02 -19.79 2.04
CA ASP A 502 -7.91 -18.67 2.97
C ASP A 502 -8.22 -17.35 2.28
N PHE A 503 -7.66 -17.17 1.08
CA PHE A 503 -7.85 -15.94 0.33
C PHE A 503 -9.32 -15.68 0.02
N ASP A 504 -10.01 -16.71 -0.48
CA ASP A 504 -11.42 -16.59 -0.80
C ASP A 504 -12.23 -16.20 0.43
N ASN A 505 -11.85 -16.74 1.58
CA ASN A 505 -12.53 -16.42 2.84
C ASN A 505 -12.21 -15.01 3.32
N CYS A 506 -11.00 -14.54 3.02
CA CYS A 506 -10.56 -13.23 3.47
C CYS A 506 -11.57 -12.15 3.08
N HIS B 39 -44.84 -22.77 -4.28
CA HIS B 39 -46.01 -23.38 -3.59
C HIS B 39 -47.06 -22.35 -3.27
N THR B 40 -47.08 -21.92 -2.02
CA THR B 40 -48.04 -20.90 -1.58
C THR B 40 -47.32 -19.64 -1.10
N TYR B 41 -46.31 -19.22 -1.87
CA TYR B 41 -45.59 -17.98 -1.59
C TYR B 41 -45.12 -17.34 -2.90
N ASP B 42 -45.50 -16.09 -3.11
CA ASP B 42 -45.13 -15.38 -4.33
C ASP B 42 -43.64 -15.53 -4.63
N TYR B 43 -42.82 -15.26 -3.63
CA TYR B 43 -41.38 -15.42 -3.76
C TYR B 43 -40.80 -16.16 -2.55
N ASP B 44 -39.69 -16.85 -2.74
CA ASP B 44 -39.01 -17.53 -1.65
C ASP B 44 -38.20 -16.55 -0.82
N TYR B 45 -37.62 -15.56 -1.48
CA TYR B 45 -36.72 -14.61 -0.84
C TYR B 45 -37.12 -13.18 -1.15
N VAL B 46 -37.57 -12.44 -0.13
CA VAL B 46 -37.96 -11.05 -0.29
C VAL B 46 -37.05 -10.13 0.51
N VAL B 47 -36.13 -9.48 -0.18
CA VAL B 47 -35.16 -8.60 0.47
C VAL B 47 -35.64 -7.15 0.49
N ILE B 48 -35.42 -6.48 1.63
CA ILE B 48 -35.77 -5.08 1.76
C ILE B 48 -34.52 -4.22 1.92
N GLY B 49 -34.12 -3.56 0.83
CA GLY B 49 -32.90 -2.77 0.82
C GLY B 49 -31.94 -3.23 -0.26
N GLY B 50 -31.52 -2.29 -1.11
CA GLY B 50 -30.69 -2.62 -2.25
C GLY B 50 -29.23 -2.24 -2.08
N GLY B 51 -28.75 -2.28 -0.85
CA GLY B 51 -27.35 -2.00 -0.55
C GLY B 51 -26.46 -3.20 -0.86
N PRO B 52 -25.16 -3.06 -0.59
CA PRO B 52 -24.21 -4.14 -0.82
C PRO B 52 -24.69 -5.45 -0.20
N GLY B 53 -25.21 -5.36 1.02
CA GLY B 53 -25.69 -6.55 1.73
C GLY B 53 -26.89 -7.19 1.05
N GLY B 54 -28.02 -6.48 1.08
CA GLY B 54 -29.24 -6.97 0.44
C GLY B 54 -28.98 -7.48 -0.96
N MET B 55 -28.28 -6.67 -1.75
CA MET B 55 -27.89 -7.07 -3.10
C MET B 55 -27.10 -8.37 -3.09
N ALA B 56 -26.01 -8.37 -2.32
CA ALA B 56 -25.10 -9.51 -2.28
C ALA B 56 -25.83 -10.81 -2.00
N SER B 57 -26.87 -10.74 -1.16
CA SER B 57 -27.63 -11.92 -0.78
C SER B 57 -28.61 -12.34 -1.88
N ALA B 58 -29.26 -11.36 -2.49
CA ALA B 58 -30.19 -11.63 -3.58
C ALA B 58 -29.48 -12.35 -4.73
N LYS B 59 -28.42 -11.75 -5.24
CA LYS B 59 -27.65 -12.34 -6.33
C LYS B 59 -27.12 -13.72 -5.94
N GLU B 60 -27.20 -14.05 -4.66
CA GLU B 60 -26.73 -15.34 -4.17
C GLU B 60 -27.87 -16.34 -4.06
N ALA B 61 -29.01 -15.87 -3.57
CA ALA B 61 -30.19 -16.72 -3.43
C ALA B 61 -30.73 -17.12 -4.80
N ALA B 62 -30.64 -16.21 -5.76
CA ALA B 62 -31.06 -16.49 -7.12
C ALA B 62 -30.03 -17.36 -7.83
N ALA B 63 -28.79 -17.29 -7.37
CA ALA B 63 -27.72 -18.11 -7.94
C ALA B 63 -27.85 -19.56 -7.50
N HIS B 64 -28.80 -19.83 -6.62
CA HIS B 64 -29.07 -21.19 -6.16
C HIS B 64 -30.49 -21.58 -6.37
N GLY B 65 -31.10 -21.02 -7.41
CA GLY B 65 -32.46 -21.39 -7.80
C GLY B 65 -33.52 -20.45 -7.26
N ALA B 66 -33.52 -20.25 -5.94
CA ALA B 66 -34.55 -19.48 -5.26
C ALA B 66 -34.97 -18.25 -6.06
N ARG B 67 -36.27 -17.99 -6.08
CA ARG B 67 -36.80 -16.78 -6.71
C ARG B 67 -36.76 -15.61 -5.72
N VAL B 68 -36.04 -14.56 -6.10
CA VAL B 68 -35.78 -13.45 -5.18
C VAL B 68 -36.41 -12.15 -5.66
N LEU B 69 -37.12 -11.47 -4.75
CA LEU B 69 -37.63 -10.14 -5.02
C LEU B 69 -36.90 -9.12 -4.15
N LEU B 70 -36.37 -8.08 -4.78
CA LEU B 70 -35.55 -7.10 -4.08
C LEU B 70 -36.12 -5.69 -4.18
N PHE B 71 -36.23 -5.01 -3.04
CA PHE B 71 -36.70 -3.64 -3.00
C PHE B 71 -35.55 -2.67 -2.69
N ASP B 72 -35.57 -1.52 -3.35
CA ASP B 72 -34.61 -0.46 -3.05
C ASP B 72 -35.18 0.91 -3.42
N TYR B 73 -35.34 1.76 -2.41
CA TYR B 73 -35.81 3.13 -2.63
C TYR B 73 -35.08 4.11 -1.74
N VAL B 74 -34.48 5.13 -2.35
CA VAL B 74 -33.71 6.12 -1.62
C VAL B 74 -34.58 7.28 -1.15
N LYS B 75 -34.97 7.24 0.13
CA LYS B 75 -35.65 8.36 0.74
C LYS B 75 -34.73 9.58 0.72
N PRO B 76 -35.23 10.71 0.19
CA PRO B 76 -34.43 11.93 0.08
C PRO B 76 -33.80 12.31 1.42
N SER B 77 -32.60 12.87 1.37
CA SER B 77 -31.90 13.29 2.58
C SER B 77 -32.63 14.42 3.28
N SER B 78 -32.13 14.82 4.44
CA SER B 78 -32.69 15.95 5.17
C SER B 78 -32.60 17.23 4.34
N GLN B 79 -31.78 17.18 3.28
CA GLN B 79 -31.63 18.31 2.39
C GLN B 79 -32.25 18.02 1.02
N GLY B 80 -33.00 16.93 0.95
CA GLY B 80 -33.75 16.59 -0.26
C GLY B 80 -32.89 15.93 -1.35
N THR B 81 -31.72 15.45 -0.95
CA THR B 81 -30.81 14.81 -1.90
C THR B 81 -31.21 13.35 -2.13
N LYS B 82 -31.20 12.95 -3.40
CA LYS B 82 -31.53 11.57 -3.77
C LYS B 82 -30.49 11.00 -4.74
N TRP B 83 -30.52 9.68 -4.92
CA TRP B 83 -29.57 9.01 -5.80
C TRP B 83 -30.07 7.68 -6.27
N GLY B 84 -29.29 7.02 -7.12
CA GLY B 84 -29.73 5.80 -7.79
C GLY B 84 -29.49 4.53 -6.98
N ILE B 85 -29.66 3.39 -7.65
CA ILE B 85 -29.53 2.10 -7.00
C ILE B 85 -28.08 1.76 -6.69
N GLY B 86 -27.85 1.22 -5.49
CA GLY B 86 -26.50 0.86 -5.06
C GLY B 86 -26.31 1.06 -3.57
N GLY B 87 -27.24 1.76 -2.94
CA GLY B 87 -27.18 1.99 -1.51
C GLY B 87 -26.12 3.00 -1.11
N THR B 88 -25.70 2.93 0.15
CA THR B 88 -24.79 3.93 0.72
C THR B 88 -23.41 3.89 0.07
N CYS B 89 -22.69 2.80 0.30
CA CYS B 89 -21.30 2.70 -0.12
C CYS B 89 -21.05 3.32 -1.49
N VAL B 90 -21.93 3.04 -2.43
CA VAL B 90 -21.73 3.46 -3.82
C VAL B 90 -22.04 4.94 -4.03
N ASN B 91 -23.19 5.38 -3.53
CA ASN B 91 -23.68 6.74 -3.81
C ASN B 91 -23.14 7.79 -2.85
N VAL B 92 -23.16 7.49 -1.55
CA VAL B 92 -22.77 8.46 -0.54
C VAL B 92 -21.85 7.85 0.51
N GLY B 93 -20.95 6.98 0.07
CA GLY B 93 -20.04 6.29 0.98
C GLY B 93 -18.67 6.03 0.39
N CYS B 94 -18.25 4.77 0.41
CA CYS B 94 -16.90 4.39 0.00
C CYS B 94 -16.46 5.08 -1.30
N VAL B 95 -17.27 4.92 -2.34
CA VAL B 95 -16.88 5.34 -3.68
C VAL B 95 -16.58 6.84 -3.77
N PRO B 96 -17.57 7.68 -3.44
CA PRO B 96 -17.39 9.12 -3.50
C PRO B 96 -16.37 9.60 -2.46
N LYS B 97 -16.36 8.95 -1.31
CA LYS B 97 -15.44 9.31 -0.22
C LYS B 97 -13.99 9.17 -0.67
N LYS B 98 -13.65 8.00 -1.23
CA LYS B 98 -12.28 7.74 -1.66
C LYS B 98 -11.87 8.64 -2.83
N LEU B 99 -12.81 8.92 -3.71
CA LEU B 99 -12.56 9.80 -4.85
C LEU B 99 -12.24 11.21 -4.37
N MET B 100 -13.09 11.73 -3.50
CA MET B 100 -12.83 13.03 -2.86
C MET B 100 -11.44 13.04 -2.23
N HIS B 101 -11.13 11.99 -1.46
CA HIS B 101 -9.85 11.89 -0.79
C HIS B 101 -8.71 12.08 -1.74
N TYR B 102 -8.79 11.42 -2.89
CA TYR B 102 -7.73 11.48 -3.89
C TYR B 102 -7.52 12.91 -4.37
N ALA B 103 -8.62 13.60 -4.66
CA ALA B 103 -8.55 14.99 -5.07
C ALA B 103 -7.81 15.82 -4.02
N GLY B 104 -8.11 15.56 -2.76
CA GLY B 104 -7.46 16.26 -1.66
C GLY B 104 -5.99 15.90 -1.53
N HIS B 105 -5.67 14.64 -1.80
CA HIS B 105 -4.30 14.16 -1.68
C HIS B 105 -3.40 14.77 -2.72
N MET B 106 -3.94 14.98 -3.92
CA MET B 106 -3.21 15.64 -4.99
C MET B 106 -2.75 17.03 -4.54
N GLY B 107 -3.70 17.86 -4.16
CA GLY B 107 -3.39 19.20 -3.66
C GLY B 107 -2.35 19.14 -2.55
N SER B 108 -2.50 18.18 -1.65
CA SER B 108 -1.56 17.99 -0.56
C SER B 108 -0.15 17.69 -1.11
N ILE B 109 -0.09 16.86 -2.14
CA ILE B 109 1.17 16.50 -2.76
C ILE B 109 1.80 17.71 -3.45
N PHE B 110 0.96 18.49 -4.14
CA PHE B 110 1.44 19.69 -4.84
C PHE B 110 2.02 20.71 -3.87
N LYS B 111 1.33 20.94 -2.77
CA LYS B 111 1.67 22.03 -1.87
C LYS B 111 2.83 21.69 -0.93
N LEU B 112 3.05 20.41 -0.69
CA LEU B 112 4.08 19.98 0.26
C LEU B 112 5.36 19.49 -0.43
N ASP B 113 5.20 18.72 -1.50
CA ASP B 113 6.34 18.05 -2.11
C ASP B 113 6.65 18.53 -3.52
N SER B 114 5.60 18.88 -4.27
CA SER B 114 5.75 19.24 -5.68
C SER B 114 7.04 20.00 -5.96
N LYS B 115 7.17 21.19 -5.37
CA LYS B 115 8.26 22.09 -5.70
C LYS B 115 9.62 21.59 -5.20
N ALA B 116 9.59 20.78 -4.15
CA ALA B 116 10.82 20.23 -3.59
C ALA B 116 11.41 19.16 -4.50
N TYR B 117 10.58 18.59 -5.37
CA TYR B 117 11.01 17.52 -6.26
C TYR B 117 11.24 18.03 -7.69
N GLY B 118 11.44 19.33 -7.83
CA GLY B 118 11.84 19.91 -9.11
C GLY B 118 10.69 20.28 -10.02
N TRP B 119 9.48 20.26 -9.49
CA TRP B 119 8.30 20.61 -10.27
C TRP B 119 7.91 22.05 -10.09
N LYS B 120 7.65 22.73 -11.20
CA LYS B 120 7.29 24.14 -11.17
C LYS B 120 5.98 24.39 -11.91
N PHE B 121 5.04 25.04 -11.24
CA PHE B 121 3.74 25.31 -11.83
C PHE B 121 3.20 26.67 -11.39
N ASP B 122 2.24 27.20 -12.15
CA ASP B 122 1.70 28.52 -11.89
C ASP B 122 0.20 28.52 -11.61
N ASN B 123 -0.23 29.42 -10.74
CA ASN B 123 -1.66 29.63 -10.51
C ASN B 123 -2.40 28.35 -10.17
N LEU B 124 -2.02 27.70 -9.07
CA LEU B 124 -2.66 26.47 -8.65
C LEU B 124 -4.00 26.75 -7.96
N LYS B 125 -5.09 26.33 -8.60
CA LYS B 125 -6.42 26.49 -8.03
C LYS B 125 -7.25 25.22 -8.22
N HIS B 126 -8.30 25.09 -7.43
CA HIS B 126 -9.15 23.92 -7.48
C HIS B 126 -10.58 24.27 -7.77
N ASP B 127 -11.19 23.53 -8.70
CA ASP B 127 -12.57 23.76 -9.08
C ASP B 127 -13.50 22.72 -8.46
N TRP B 128 -14.24 23.13 -7.44
CA TRP B 128 -15.12 22.21 -6.71
C TRP B 128 -16.10 21.53 -7.62
N LYS B 129 -16.72 22.31 -8.50
CA LYS B 129 -17.74 21.77 -9.40
C LYS B 129 -17.17 20.74 -10.37
N LYS B 130 -15.89 20.88 -10.68
CA LYS B 130 -15.21 19.92 -11.55
C LYS B 130 -15.05 18.58 -10.85
N LEU B 131 -14.67 18.62 -9.57
CA LEU B 131 -14.52 17.41 -8.78
C LEU B 131 -15.86 16.69 -8.62
N VAL B 132 -16.91 17.45 -8.31
CA VAL B 132 -18.23 16.87 -8.12
C VAL B 132 -18.75 16.23 -9.40
N THR B 133 -18.63 16.94 -10.52
CA THR B 133 -19.09 16.43 -11.80
C THR B 133 -18.40 15.12 -12.16
N THR B 134 -17.12 15.03 -11.82
CA THR B 134 -16.35 13.81 -12.05
C THR B 134 -16.82 12.70 -11.10
N VAL B 135 -16.93 13.04 -9.83
CA VAL B 135 -17.42 12.09 -8.83
C VAL B 135 -18.81 11.58 -9.21
N GLN B 136 -19.74 12.51 -9.42
CA GLN B 136 -21.12 12.15 -9.71
C GLN B 136 -21.25 11.39 -11.01
N SER B 137 -20.39 11.72 -11.98
CA SER B 137 -20.36 11.02 -13.25
C SER B 137 -20.03 9.55 -13.05
N HIS B 138 -19.07 9.29 -12.17
CA HIS B 138 -18.63 7.93 -11.90
C HIS B 138 -19.67 7.15 -11.16
N ILE B 139 -20.34 7.82 -10.22
CA ILE B 139 -21.39 7.18 -9.43
C ILE B 139 -22.53 6.72 -10.32
N ARG B 140 -22.83 7.52 -11.35
CA ARG B 140 -23.91 7.21 -12.28
C ARG B 140 -23.56 6.03 -13.18
N SER B 141 -22.30 5.95 -13.59
CA SER B 141 -21.84 4.85 -14.43
C SER B 141 -21.87 3.53 -13.65
N LEU B 142 -21.90 3.64 -12.33
CA LEU B 142 -22.05 2.47 -11.47
C LEU B 142 -23.51 2.14 -11.25
N ASN B 143 -24.31 3.17 -11.01
CA ASN B 143 -25.76 3.01 -10.89
C ASN B 143 -26.32 2.17 -12.04
N PHE B 144 -25.87 2.49 -13.26
CA PHE B 144 -26.28 1.75 -14.44
C PHE B 144 -25.63 0.37 -14.46
N SER B 145 -24.35 0.33 -14.09
CA SER B 145 -23.59 -0.92 -14.09
C SER B 145 -24.21 -1.94 -13.15
N TYR B 146 -24.91 -1.46 -12.12
CA TYR B 146 -25.58 -2.33 -11.16
C TYR B 146 -26.96 -2.73 -11.65
N MET B 147 -27.62 -1.83 -12.37
CA MET B 147 -28.88 -2.15 -13.03
C MET B 147 -28.70 -3.36 -13.95
N THR B 148 -27.91 -3.18 -14.99
CA THR B 148 -27.62 -4.26 -15.93
C THR B 148 -27.04 -5.47 -15.20
N GLY B 149 -26.88 -5.34 -13.88
CA GLY B 149 -26.37 -6.43 -13.07
C GLY B 149 -27.48 -7.28 -12.48
N LEU B 150 -28.56 -6.63 -12.07
CA LEU B 150 -29.71 -7.32 -11.49
C LEU B 150 -30.35 -8.26 -12.51
N ARG B 151 -30.76 -7.71 -13.64
CA ARG B 151 -31.37 -8.50 -14.71
C ARG B 151 -30.49 -9.69 -15.08
N SER B 152 -29.17 -9.48 -15.06
CA SER B 152 -28.22 -10.54 -15.37
C SER B 152 -28.33 -11.68 -14.35
N SER B 153 -28.52 -11.32 -13.08
CA SER B 153 -28.67 -12.32 -12.03
C SER B 153 -30.13 -12.74 -11.88
N LYS B 154 -30.99 -12.16 -12.71
CA LYS B 154 -32.42 -12.47 -12.70
C LYS B 154 -33.02 -12.35 -11.31
N VAL B 155 -32.91 -11.16 -10.72
CA VAL B 155 -33.57 -10.85 -9.46
C VAL B 155 -34.58 -9.73 -9.66
N LYS B 156 -35.86 -10.06 -9.53
CA LYS B 156 -36.95 -9.10 -9.75
C LYS B 156 -36.75 -7.87 -8.87
N TYR B 157 -36.36 -6.75 -9.50
CA TYR B 157 -36.14 -5.51 -8.76
C TYR B 157 -37.28 -4.52 -8.94
N ILE B 158 -37.79 -4.02 -7.81
CA ILE B 158 -38.83 -2.99 -7.83
C ILE B 158 -38.35 -1.72 -7.12
N ASN B 159 -38.56 -0.58 -7.77
CA ASN B 159 -38.17 0.70 -7.19
C ASN B 159 -39.25 1.27 -6.29
N GLY B 160 -39.41 0.67 -5.12
CA GLY B 160 -40.40 1.13 -4.15
C GLY B 160 -39.96 0.87 -2.72
N LEU B 161 -40.38 1.74 -1.81
CA LEU B 161 -40.04 1.58 -0.41
C LEU B 161 -41.00 0.61 0.27
N ALA B 162 -40.44 -0.44 0.87
CA ALA B 162 -41.23 -1.53 1.41
C ALA B 162 -41.49 -1.39 2.90
N LYS B 163 -42.51 -2.08 3.38
CA LYS B 163 -42.84 -2.13 4.80
C LYS B 163 -43.37 -3.51 5.16
N LEU B 164 -43.18 -3.92 6.41
CA LEU B 164 -43.63 -5.24 6.84
C LEU B 164 -45.13 -5.28 7.11
N LYS B 165 -45.85 -6.01 6.26
CA LYS B 165 -47.28 -6.20 6.43
C LYS B 165 -47.56 -7.33 7.41
N ASP B 166 -46.91 -8.46 7.21
CA ASP B 166 -47.09 -9.63 8.07
C ASP B 166 -45.82 -10.48 8.09
N LYS B 167 -45.76 -11.42 9.04
CA LYS B 167 -44.60 -12.28 9.19
C LYS B 167 -44.11 -12.83 7.86
N ASN B 168 -45.04 -13.06 6.93
CA ASN B 168 -44.69 -13.61 5.63
C ASN B 168 -45.06 -12.67 4.48
N THR B 169 -45.61 -11.51 4.84
CA THR B 169 -46.12 -10.57 3.84
C THR B 169 -45.43 -9.22 3.91
N VAL B 170 -45.15 -8.64 2.75
CA VAL B 170 -44.50 -7.33 2.66
C VAL B 170 -45.31 -6.35 1.84
N SER B 171 -45.85 -5.33 2.50
CA SER B 171 -46.54 -4.25 1.80
C SER B 171 -45.52 -3.22 1.32
N TYR B 172 -45.81 -2.59 0.18
CA TYR B 172 -44.86 -1.63 -0.40
C TYR B 172 -45.55 -0.53 -1.21
N TYR B 173 -44.85 0.57 -1.39
CA TYR B 173 -45.34 1.69 -2.19
C TYR B 173 -44.38 1.98 -3.34
N LEU B 174 -44.90 1.92 -4.56
CA LEU B 174 -44.07 2.08 -5.75
C LEU B 174 -43.81 3.55 -6.07
N LYS B 175 -42.54 3.91 -6.18
CA LYS B 175 -42.15 5.28 -6.49
C LYS B 175 -40.99 5.31 -7.48
N LEU B 178 -47.87 9.84 -5.61
CA LEU B 178 -48.79 8.74 -5.83
C LEU B 178 -48.46 7.56 -4.92
N SER B 179 -49.45 7.11 -4.15
CA SER B 179 -49.24 6.02 -3.20
C SER B 179 -50.43 5.08 -3.14
N LYS B 180 -50.26 3.89 -3.72
CA LYS B 180 -51.22 2.80 -3.56
C LYS B 180 -50.49 1.51 -3.22
N GLU B 181 -50.95 0.83 -2.17
CA GLU B 181 -50.25 -0.34 -1.66
C GLU B 181 -50.21 -1.50 -2.64
N GLU B 182 -49.19 -2.33 -2.51
CA GLU B 182 -49.13 -3.60 -3.23
C GLU B 182 -48.45 -4.64 -2.35
N THR B 183 -49.15 -5.73 -2.07
CA THR B 183 -48.67 -6.74 -1.13
C THR B 183 -47.95 -7.89 -1.84
N VAL B 184 -47.05 -8.54 -1.11
CA VAL B 184 -46.32 -9.68 -1.64
C VAL B 184 -45.94 -10.64 -0.51
N THR B 185 -45.87 -11.93 -0.84
CA THR B 185 -45.50 -12.95 0.14
C THR B 185 -44.19 -13.61 -0.21
N GLY B 186 -43.42 -13.98 0.81
CA GLY B 186 -42.16 -14.67 0.63
C GLY B 186 -41.89 -15.66 1.76
N LYS B 187 -41.19 -16.73 1.44
CA LYS B 187 -40.88 -17.76 2.44
C LYS B 187 -40.01 -17.19 3.55
N TYR B 188 -39.02 -16.39 3.17
CA TYR B 188 -38.17 -15.71 4.13
C TYR B 188 -37.97 -14.25 3.75
N ILE B 189 -37.82 -13.38 4.74
CA ILE B 189 -37.64 -11.96 4.50
C ILE B 189 -36.31 -11.46 5.06
N LEU B 190 -35.59 -10.69 4.25
CA LEU B 190 -34.34 -10.09 4.68
C LEU B 190 -34.47 -8.57 4.80
N ILE B 191 -34.05 -8.03 5.94
CA ILE B 191 -34.04 -6.59 6.15
C ILE B 191 -32.62 -6.03 6.03
N ALA B 192 -32.35 -5.37 4.92
CA ALA B 192 -31.04 -4.79 4.67
C ALA B 192 -31.15 -3.32 4.29
N THR B 193 -31.76 -2.52 5.17
CA THR B 193 -32.02 -1.12 4.88
C THR B 193 -30.85 -0.22 5.28
N GLY B 194 -29.90 -0.77 6.02
CA GLY B 194 -28.75 0.00 6.49
C GLY B 194 -29.15 1.14 7.40
N CYS B 195 -28.36 2.22 7.37
CA CYS B 195 -28.62 3.36 8.24
C CYS B 195 -28.66 4.66 7.45
N ARG B 196 -29.06 5.74 8.13
CA ARG B 196 -29.00 7.07 7.55
C ARG B 196 -28.39 8.05 8.57
N PRO B 197 -27.62 9.03 8.07
CA PRO B 197 -26.94 9.99 8.93
C PRO B 197 -27.90 10.59 9.96
N HIS B 198 -27.42 10.75 11.19
CA HIS B 198 -28.26 11.26 12.27
C HIS B 198 -28.00 12.71 12.56
N ILE B 199 -29.08 13.49 12.63
CA ILE B 199 -28.99 14.89 13.01
C ILE B 199 -29.86 15.16 14.23
N PRO B 200 -29.32 15.91 15.21
CA PRO B 200 -30.01 16.18 16.47
C PRO B 200 -31.29 16.98 16.27
N ASP B 201 -32.34 16.61 16.99
CA ASP B 201 -33.64 17.27 16.87
C ASP B 201 -33.77 18.40 17.88
N ASP B 202 -33.04 18.30 18.98
CA ASP B 202 -33.13 19.27 20.06
C ASP B 202 -32.42 20.58 19.70
N VAL B 203 -31.47 20.51 18.77
CA VAL B 203 -30.73 21.68 18.33
C VAL B 203 -31.52 22.49 17.31
N GLU B 204 -31.85 23.72 17.66
CA GLU B 204 -32.65 24.58 16.79
C GLU B 204 -31.88 24.95 15.51
N GLY B 205 -32.46 24.60 14.36
CA GLY B 205 -31.88 24.96 13.08
C GLY B 205 -31.02 23.86 12.47
N ALA B 206 -30.56 22.95 13.33
CA ALA B 206 -29.69 21.87 12.89
C ALA B 206 -30.27 21.13 11.68
N LYS B 207 -31.47 20.60 11.84
CA LYS B 207 -32.10 19.78 10.81
C LYS B 207 -32.21 20.50 9.47
N GLU B 208 -32.60 21.78 9.52
CA GLU B 208 -32.95 22.51 8.31
C GLU B 208 -31.76 23.20 7.64
N LEU B 209 -30.78 23.63 8.44
CA LEU B 209 -29.72 24.48 7.94
C LEU B 209 -28.43 23.72 7.60
N SER B 210 -28.24 22.57 8.22
CA SER B 210 -27.00 21.82 8.05
C SER B 210 -27.12 20.71 7.00
N ILE B 211 -25.98 20.12 6.64
CA ILE B 211 -25.96 19.02 5.68
C ILE B 211 -25.26 17.80 6.28
N THR B 212 -25.25 16.71 5.53
CA THR B 212 -24.64 15.47 5.99
C THR B 212 -23.87 14.78 4.86
N SER B 213 -23.22 13.67 5.18
CA SER B 213 -22.48 12.91 4.18
C SER B 213 -23.37 12.56 2.99
N ASP B 214 -24.68 12.62 3.20
CA ASP B 214 -25.64 12.32 2.15
C ASP B 214 -25.65 13.39 1.06
N ASP B 215 -25.22 14.59 1.41
CA ASP B 215 -25.34 15.74 0.53
C ASP B 215 -24.00 16.20 -0.02
N ILE B 216 -22.94 16.04 0.78
CA ILE B 216 -21.65 16.64 0.48
C ILE B 216 -21.08 16.18 -0.87
N PHE B 217 -21.28 14.91 -1.20
CA PHE B 217 -20.67 14.34 -2.39
C PHE B 217 -21.37 14.76 -3.68
N SER B 218 -22.53 15.39 -3.55
CA SER B 218 -23.27 15.89 -4.70
C SER B 218 -23.59 17.37 -4.53
N LEU B 219 -22.91 18.01 -3.59
CA LEU B 219 -23.15 19.41 -3.26
C LEU B 219 -22.89 20.33 -4.47
N LYS B 220 -23.87 21.16 -4.80
CA LYS B 220 -23.74 22.10 -5.89
C LYS B 220 -22.79 23.25 -5.55
N LYS B 221 -23.10 23.96 -4.47
CA LYS B 221 -22.35 25.14 -4.08
C LYS B 221 -21.02 24.79 -3.44
N ASP B 222 -20.12 25.78 -3.37
CA ASP B 222 -18.85 25.60 -2.67
C ASP B 222 -19.09 25.33 -1.18
N PRO B 223 -18.33 24.37 -0.63
CA PRO B 223 -18.40 24.10 0.80
C PRO B 223 -18.07 25.35 1.61
N GLY B 224 -17.12 26.14 1.13
CA GLY B 224 -16.71 27.36 1.82
C GLY B 224 -16.17 27.08 3.21
N LYS B 225 -16.30 28.07 4.10
CA LYS B 225 -15.93 27.89 5.49
C LYS B 225 -16.85 26.86 6.14
N THR B 226 -16.30 25.68 6.43
CA THR B 226 -17.11 24.56 6.87
C THR B 226 -16.94 24.23 8.35
N LEU B 227 -18.05 23.93 9.02
CA LEU B 227 -18.01 23.41 10.38
C LEU B 227 -18.47 21.96 10.38
N VAL B 228 -17.55 21.06 10.75
CA VAL B 228 -17.87 19.65 10.85
C VAL B 228 -18.11 19.24 12.30
N VAL B 229 -19.28 18.69 12.57
CA VAL B 229 -19.65 18.28 13.92
C VAL B 229 -19.60 16.78 14.07
N GLY B 230 -18.66 16.29 14.88
CA GLY B 230 -18.51 14.86 15.11
C GLY B 230 -17.07 14.42 15.16
N ALA B 231 -16.84 13.16 15.52
CA ALA B 231 -15.49 12.63 15.66
C ALA B 231 -15.35 11.25 15.01
N SER B 232 -16.39 10.84 14.27
CA SER B 232 -16.35 9.56 13.57
C SER B 232 -15.26 9.56 12.51
N TYR B 233 -15.02 8.41 11.90
CA TYR B 233 -14.05 8.31 10.82
C TYR B 233 -14.55 9.06 9.59
N VAL B 234 -15.86 9.21 9.49
CA VAL B 234 -16.47 9.99 8.43
C VAL B 234 -16.21 11.48 8.65
N ALA B 235 -16.41 11.92 9.88
CA ALA B 235 -16.22 13.33 10.23
C ALA B 235 -14.79 13.78 9.92
N LEU B 236 -13.81 12.98 10.32
CA LEU B 236 -12.42 13.33 10.13
C LEU B 236 -11.99 13.23 8.66
N GLU B 237 -12.54 12.24 7.97
CA GLU B 237 -12.25 12.08 6.54
C GLU B 237 -12.77 13.25 5.72
N CYS B 238 -14.00 13.67 6.01
CA CYS B 238 -14.60 14.81 5.32
C CYS B 238 -13.80 16.09 5.57
N SER B 239 -13.81 16.55 6.82
CA SER B 239 -13.01 17.71 7.19
C SER B 239 -11.57 17.51 6.76
N GLY B 240 -11.24 16.27 6.40
CA GLY B 240 -9.89 15.92 5.98
C GLY B 240 -9.59 16.37 4.56
N PHE B 241 -10.45 16.01 3.62
CA PHE B 241 -10.24 16.34 2.22
C PHE B 241 -10.71 17.74 1.87
N LEU B 242 -11.61 18.28 2.68
CA LEU B 242 -12.04 19.68 2.54
C LEU B 242 -10.87 20.60 2.86
N ASN B 243 -10.17 20.31 3.95
CA ASN B 243 -9.00 21.09 4.33
C ASN B 243 -7.87 21.00 3.31
N SER B 244 -7.65 19.79 2.79
CA SER B 244 -6.62 19.57 1.79
C SER B 244 -6.92 20.33 0.50
N LEU B 245 -8.21 20.44 0.18
CA LEU B 245 -8.65 21.20 -0.98
C LEU B 245 -8.44 22.70 -0.77
N GLY B 246 -8.31 23.09 0.49
CA GLY B 246 -7.95 24.47 0.83
C GLY B 246 -9.10 25.28 1.41
N TYR B 247 -9.99 24.60 2.14
CA TYR B 247 -11.12 25.27 2.78
C TYR B 247 -10.83 25.55 4.25
N ASP B 248 -11.55 26.51 4.81
CA ASP B 248 -11.46 26.82 6.23
C ASP B 248 -12.31 25.84 7.03
N VAL B 249 -11.68 24.74 7.48
CA VAL B 249 -12.40 23.67 8.15
C VAL B 249 -12.27 23.75 9.67
N THR B 250 -13.34 23.41 10.37
CA THR B 250 -13.34 23.42 11.83
C THR B 250 -14.17 22.26 12.37
N VAL B 251 -13.56 21.45 13.22
CA VAL B 251 -14.24 20.26 13.76
C VAL B 251 -14.59 20.45 15.23
N ALA B 252 -15.85 20.28 15.56
CA ALA B 252 -16.31 20.36 16.92
C ALA B 252 -16.52 18.99 17.46
N VAL B 253 -15.73 18.60 18.45
CA VAL B 253 -15.86 17.27 19.05
C VAL B 253 -16.21 17.38 20.54
N ARG B 254 -17.24 16.66 20.94
CA ARG B 254 -17.70 16.68 22.33
C ARG B 254 -16.65 16.16 23.31
N SER B 255 -15.99 15.06 22.94
CA SER B 255 -14.99 14.46 23.81
C SER B 255 -13.72 14.01 23.08
N ILE B 256 -13.86 12.98 22.25
CA ILE B 256 -12.72 12.37 21.58
C ILE B 256 -12.99 12.06 20.11
N VAL B 257 -11.92 11.95 19.33
CA VAL B 257 -12.05 11.65 17.91
C VAL B 257 -11.57 10.24 17.58
N LEU B 258 -12.42 9.49 16.89
CA LEU B 258 -12.13 8.11 16.54
C LEU B 258 -12.23 7.22 17.74
N ARG B 259 -13.27 7.40 18.53
CA ARG B 259 -13.61 6.48 19.56
C ARG B 259 -13.93 5.13 18.97
N GLY B 260 -13.36 4.09 19.55
CA GLY B 260 -13.49 2.71 19.08
C GLY B 260 -12.19 2.21 18.49
N PHE B 261 -11.31 3.14 18.12
CA PHE B 261 -10.01 2.80 17.58
C PHE B 261 -8.92 3.01 18.63
N ASP B 262 -7.74 2.44 18.39
CA ASP B 262 -6.61 2.64 19.29
C ASP B 262 -6.28 4.11 19.41
N GLN B 263 -6.38 4.64 20.64
CA GLN B 263 -6.36 6.08 20.86
C GLN B 263 -4.96 6.68 20.78
N GLN B 264 -3.93 5.85 20.75
CA GLN B 264 -2.57 6.33 20.54
C GLN B 264 -2.37 6.73 19.08
N CYS B 265 -3.07 6.04 18.18
CA CYS B 265 -3.05 6.38 16.77
C CYS B 265 -4.04 7.50 16.48
N ALA B 266 -5.20 7.44 17.13
CA ALA B 266 -6.22 8.46 16.97
C ALA B 266 -5.64 9.84 17.24
N VAL B 267 -4.83 9.94 18.28
CA VAL B 267 -4.24 11.22 18.68
C VAL B 267 -3.21 11.71 17.67
N LYS B 268 -2.48 10.77 17.07
CA LYS B 268 -1.50 11.11 16.05
C LYS B 268 -2.17 11.67 14.81
N VAL B 269 -3.30 11.10 14.45
CA VAL B 269 -4.08 11.59 13.30
C VAL B 269 -4.58 13.00 13.55
N LYS B 270 -5.14 13.23 14.73
CA LYS B 270 -5.68 14.54 15.08
C LYS B 270 -4.59 15.61 15.07
N LEU B 271 -3.46 15.29 15.71
CA LEU B 271 -2.34 16.23 15.75
C LEU B 271 -1.89 16.59 14.33
N TYR B 272 -1.75 15.58 13.48
CA TYR B 272 -1.35 15.80 12.09
C TYR B 272 -2.37 16.66 11.36
N MET B 273 -3.65 16.39 11.58
CA MET B 273 -4.71 17.17 10.97
C MET B 273 -4.67 18.62 11.45
N GLU B 274 -4.21 18.82 12.67
CA GLU B 274 -4.09 20.16 13.23
C GLU B 274 -2.91 20.90 12.61
N GLU B 275 -1.85 20.19 12.32
CA GLU B 275 -0.68 20.77 11.67
C GLU B 275 -0.99 21.17 10.24
N GLN B 276 -1.90 20.44 9.61
CA GLN B 276 -2.24 20.68 8.22
C GLN B 276 -3.25 21.82 8.08
N GLY B 277 -3.79 22.29 9.20
CA GLY B 277 -4.63 23.48 9.20
C GLY B 277 -6.04 23.26 9.71
N VAL B 278 -6.38 22.01 10.04
CA VAL B 278 -7.69 21.70 10.61
C VAL B 278 -7.76 22.10 12.07
N MET B 279 -8.69 23.00 12.39
CA MET B 279 -8.83 23.47 13.77
C MET B 279 -9.95 22.74 14.50
N PHE B 280 -9.67 22.29 15.71
CA PHE B 280 -10.63 21.53 16.50
C PHE B 280 -11.21 22.38 17.64
N LYS B 281 -12.52 22.25 17.85
CA LYS B 281 -13.16 22.82 19.03
C LYS B 281 -13.43 21.73 20.06
N ASN B 282 -12.43 21.48 20.91
CA ASN B 282 -12.49 20.39 21.88
C ASN B 282 -13.47 20.67 23.01
N GLY B 283 -14.46 19.79 23.15
CA GLY B 283 -15.42 19.89 24.25
C GLY B 283 -16.54 20.88 24.00
N ILE B 284 -16.54 21.48 22.82
CA ILE B 284 -17.55 22.48 22.47
C ILE B 284 -18.43 22.01 21.32
N LEU B 285 -19.74 22.20 21.48
CA LEU B 285 -20.69 21.78 20.46
C LEU B 285 -21.75 22.86 20.19
N PRO B 286 -22.30 22.88 18.97
CA PRO B 286 -23.30 23.86 18.56
C PRO B 286 -24.59 23.74 19.37
N LYS B 287 -25.09 24.85 19.86
CA LYS B 287 -26.36 24.86 20.60
C LYS B 287 -27.52 25.25 19.70
N LYS B 288 -27.25 26.06 18.69
CA LYS B 288 -28.30 26.58 17.82
C LYS B 288 -27.74 27.14 16.51
N LEU B 289 -28.48 26.95 15.42
CA LEU B 289 -28.07 27.44 14.12
C LEU B 289 -29.05 28.46 13.57
N THR B 290 -28.53 29.58 13.09
CA THR B 290 -29.37 30.66 12.57
C THR B 290 -28.87 31.11 11.19
N LYS B 291 -29.82 31.41 10.30
CA LYS B 291 -29.49 31.90 8.98
C LYS B 291 -29.19 33.40 9.01
N MET B 292 -28.10 33.81 8.35
CA MET B 292 -27.70 35.21 8.32
C MET B 292 -27.16 35.61 6.95
N ASP B 293 -28.07 35.91 6.03
CA ASP B 293 -27.68 36.42 4.71
C ASP B 293 -26.75 35.48 3.98
N ASP B 294 -27.18 34.24 3.80
CA ASP B 294 -26.41 33.25 3.05
C ASP B 294 -25.20 32.74 3.84
N LYS B 295 -25.27 32.90 5.16
CA LYS B 295 -24.25 32.37 6.05
C LYS B 295 -24.92 31.84 7.30
N ILE B 296 -24.33 30.82 7.91
CA ILE B 296 -24.95 30.18 9.07
C ILE B 296 -24.32 30.63 10.38
N LEU B 297 -25.12 31.24 11.24
CA LEU B 297 -24.66 31.68 12.56
C LEU B 297 -24.74 30.54 13.57
N VAL B 298 -23.59 29.96 13.91
CA VAL B 298 -23.54 28.85 14.85
C VAL B 298 -23.19 29.32 16.25
N GLU B 299 -24.03 28.99 17.22
CA GLU B 299 -23.78 29.33 18.61
C GLU B 299 -23.40 28.08 19.40
N PHE B 300 -22.20 28.08 19.97
CA PHE B 300 -21.70 26.92 20.69
C PHE B 300 -22.03 26.98 22.17
N SER B 301 -21.95 25.83 22.84
CA SER B 301 -22.02 25.78 24.29
C SER B 301 -20.99 26.72 24.87
N ASP B 302 -20.03 27.11 24.04
CA ASP B 302 -18.95 28.02 24.43
C ASP B 302 -19.52 29.36 24.86
N LYS B 303 -20.73 29.66 24.39
CA LYS B 303 -21.27 31.01 24.48
C LYS B 303 -20.65 31.87 23.38
N THR B 304 -19.77 31.25 22.60
CA THR B 304 -19.14 31.92 21.46
C THR B 304 -19.91 31.61 20.18
N SER B 305 -20.09 32.64 19.35
CA SER B 305 -20.83 32.49 18.10
C SER B 305 -19.98 32.84 16.90
N GLU B 306 -19.56 31.82 16.15
CA GLU B 306 -18.81 32.02 14.91
C GLU B 306 -19.65 31.56 13.73
N LEU B 307 -19.97 32.49 12.83
CA LEU B 307 -20.83 32.18 11.70
C LEU B 307 -20.06 31.52 10.55
N TYR B 308 -20.51 30.33 10.16
CA TYR B 308 -19.81 29.53 9.15
C TYR B 308 -20.51 29.58 7.80
N ASP B 309 -19.96 28.85 6.84
CA ASP B 309 -20.47 28.86 5.47
C ASP B 309 -21.33 27.63 5.22
N THR B 310 -20.90 26.50 5.77
CA THR B 310 -21.63 25.25 5.66
C THR B 310 -21.40 24.39 6.90
N VAL B 311 -22.49 23.91 7.48
CA VAL B 311 -22.42 23.04 8.66
C VAL B 311 -22.71 21.60 8.28
N LEU B 312 -21.77 20.71 8.59
CA LEU B 312 -21.92 19.29 8.26
C LEU B 312 -21.94 18.44 9.52
N TYR B 313 -23.04 17.71 9.71
CA TYR B 313 -23.19 16.83 10.86
C TYR B 313 -22.73 15.41 10.55
N ALA B 314 -21.76 14.93 11.32
CA ALA B 314 -21.28 13.56 11.19
C ALA B 314 -21.11 12.93 12.56
N ILE B 315 -22.15 13.04 13.39
CA ILE B 315 -22.10 12.53 14.75
C ILE B 315 -22.51 11.06 14.83
N GLY B 316 -22.75 10.46 13.68
CA GLY B 316 -23.09 9.04 13.62
C GLY B 316 -24.32 8.76 12.77
N ARG B 317 -24.64 7.48 12.61
CA ARG B 317 -25.80 7.08 11.82
C ARG B 317 -26.66 6.06 12.57
N LYS B 318 -27.97 6.13 12.36
CA LYS B 318 -28.90 5.23 13.03
C LYS B 318 -29.72 4.42 12.01
N GLY B 319 -29.94 3.15 12.31
CA GLY B 319 -30.58 2.23 11.38
C GLY B 319 -31.91 2.73 10.83
N ASP B 320 -32.12 2.51 9.54
CA ASP B 320 -33.34 2.92 8.87
C ASP B 320 -34.45 1.87 9.09
N ILE B 321 -35.23 2.06 10.15
CA ILE B 321 -36.21 1.06 10.56
C ILE B 321 -37.62 1.64 10.69
N ASP B 322 -37.70 2.94 10.93
CA ASP B 322 -38.95 3.58 11.32
C ASP B 322 -40.10 3.33 10.35
N GLY B 323 -39.77 3.05 9.09
CA GLY B 323 -40.79 2.87 8.05
C GLY B 323 -41.08 1.40 7.76
N LEU B 324 -40.62 0.52 8.64
CA LEU B 324 -40.76 -0.91 8.41
C LEU B 324 -41.82 -1.54 9.31
N ASN B 325 -42.59 -0.70 10.00
CA ASN B 325 -43.67 -1.17 10.85
C ASN B 325 -43.29 -2.43 11.62
N LEU B 326 -42.25 -2.31 12.43
CA LEU B 326 -41.70 -3.47 13.14
C LEU B 326 -42.37 -3.69 14.50
N GLU B 327 -42.90 -2.62 15.08
CA GLU B 327 -43.60 -2.70 16.36
C GLU B 327 -44.82 -3.61 16.21
N SER B 328 -45.28 -3.78 14.99
CA SER B 328 -46.47 -4.58 14.70
C SER B 328 -46.17 -6.07 14.84
N LEU B 329 -44.89 -6.41 14.88
CA LEU B 329 -44.47 -7.80 15.09
C LEU B 329 -43.55 -7.90 16.30
N ASN B 330 -43.48 -6.83 17.07
CA ASN B 330 -42.64 -6.79 18.27
C ASN B 330 -41.26 -7.41 18.03
N MET B 331 -40.50 -6.80 17.14
CA MET B 331 -39.14 -7.26 16.85
C MET B 331 -38.15 -6.76 17.90
N ASN B 332 -37.04 -7.49 18.05
CA ASN B 332 -35.95 -7.05 18.91
C ASN B 332 -35.13 -5.95 18.25
N VAL B 333 -35.44 -4.71 18.60
CA VAL B 333 -34.75 -3.56 18.03
C VAL B 333 -34.01 -2.77 19.11
N ASN B 334 -32.83 -2.27 18.76
CA ASN B 334 -32.04 -1.46 19.67
C ASN B 334 -32.46 0.01 19.61
N LYS B 335 -33.05 0.50 20.70
CA LYS B 335 -33.60 1.85 20.71
C LYS B 335 -32.52 2.92 20.57
N SER B 336 -31.35 2.65 21.15
CA SER B 336 -30.26 3.61 21.12
C SER B 336 -29.85 3.96 19.70
N ASN B 337 -29.64 2.95 18.87
CA ASN B 337 -29.14 3.17 17.52
C ASN B 337 -30.14 2.81 16.42
N ASN B 338 -31.29 2.28 16.82
CA ASN B 338 -32.35 1.94 15.87
C ASN B 338 -31.98 0.81 14.92
N LYS B 339 -31.23 -0.17 15.42
CA LYS B 339 -30.84 -1.32 14.63
C LYS B 339 -31.61 -2.56 15.04
N ILE B 340 -31.81 -3.47 14.09
CA ILE B 340 -32.38 -4.78 14.39
C ILE B 340 -31.39 -5.59 15.22
N ILE B 341 -31.91 -6.35 16.18
CA ILE B 341 -31.08 -7.23 17.00
C ILE B 341 -30.97 -8.60 16.36
N ALA B 342 -29.75 -8.96 15.95
CA ALA B 342 -29.52 -10.20 15.22
C ALA B 342 -28.46 -11.07 15.88
N ASP B 343 -28.78 -12.35 16.04
CA ASP B 343 -27.79 -13.33 16.48
C ASP B 343 -26.87 -13.69 15.32
N HIS B 344 -25.73 -14.30 15.64
CA HIS B 344 -24.73 -14.59 14.62
C HIS B 344 -25.28 -15.42 13.50
N LEU B 345 -26.31 -16.20 13.80
CA LEU B 345 -27.02 -16.94 12.76
C LEU B 345 -27.69 -15.97 11.80
N SER B 346 -27.79 -14.71 12.21
CA SER B 346 -28.45 -13.68 11.41
C SER B 346 -29.97 -13.78 11.51
N CYS B 347 -30.43 -14.66 12.40
CA CYS B 347 -31.86 -14.81 12.63
CA CYS B 347 -31.86 -14.81 12.63
C CYS B 347 -32.39 -13.66 13.47
N THR B 348 -33.64 -13.27 13.22
CA THR B 348 -34.25 -12.14 13.92
C THR B 348 -35.02 -12.62 15.15
N ASN B 349 -35.67 -11.67 15.82
CA ASN B 349 -36.61 -12.01 16.89
C ASN B 349 -37.72 -12.90 16.35
N ILE B 350 -38.12 -12.66 15.10
CA ILE B 350 -39.10 -13.48 14.42
C ILE B 350 -38.41 -14.46 13.48
N PRO B 351 -38.81 -15.73 13.53
CA PRO B 351 -38.19 -16.82 12.77
C PRO B 351 -38.16 -16.53 11.26
N SER B 352 -39.23 -15.97 10.73
CA SER B 352 -39.36 -15.75 9.30
C SER B 352 -38.43 -14.64 8.80
N ILE B 353 -38.17 -13.66 9.67
CA ILE B 353 -37.43 -12.48 9.27
C ILE B 353 -35.94 -12.56 9.61
N PHE B 354 -35.12 -11.87 8.83
CA PHE B 354 -33.69 -11.81 9.07
C PHE B 354 -33.17 -10.38 8.92
N ALA B 355 -31.96 -10.14 9.39
CA ALA B 355 -31.33 -8.83 9.27
C ALA B 355 -29.84 -8.96 8.98
N VAL B 356 -29.36 -8.20 8.01
CA VAL B 356 -27.95 -8.22 7.63
C VAL B 356 -27.46 -6.84 7.19
N GLY B 357 -26.23 -6.51 7.56
CA GLY B 357 -25.62 -5.26 7.13
C GLY B 357 -25.50 -4.25 8.25
N ASP B 358 -25.76 -2.99 7.92
CA ASP B 358 -25.61 -1.90 8.89
C ASP B 358 -26.81 -1.79 9.83
N VAL B 359 -27.84 -2.57 9.56
CA VAL B 359 -29.04 -2.59 10.41
C VAL B 359 -28.85 -3.53 11.60
N ALA B 360 -28.03 -4.56 11.42
CA ALA B 360 -27.74 -5.50 12.48
C ALA B 360 -26.89 -4.85 13.57
N GLU B 361 -27.25 -5.10 14.82
CA GLU B 361 -26.53 -4.50 15.95
C GLU B 361 -25.16 -5.12 16.12
N ASN B 362 -24.14 -4.26 16.27
CA ASN B 362 -22.79 -4.71 16.54
C ASN B 362 -22.03 -5.18 15.31
N VAL B 363 -22.73 -5.23 14.18
CA VAL B 363 -22.10 -5.59 12.91
C VAL B 363 -21.42 -4.36 12.28
N PRO B 364 -20.10 -4.43 12.11
CA PRO B 364 -19.30 -3.33 11.58
C PRO B 364 -19.86 -2.75 10.30
N GLU B 365 -19.97 -1.42 10.24
CA GLU B 365 -20.51 -0.74 9.07
C GLU B 365 -19.50 -0.69 7.94
N LEU B 366 -19.26 -1.82 7.30
CA LEU B 366 -18.38 -1.90 6.16
C LEU B 366 -19.04 -2.60 4.99
N ALA B 367 -18.74 -2.14 3.77
CA ALA B 367 -19.33 -2.72 2.57
C ALA B 367 -19.06 -4.21 2.49
N PRO B 368 -17.80 -4.62 2.69
CA PRO B 368 -17.41 -6.03 2.62
C PRO B 368 -18.05 -6.85 3.72
N VAL B 369 -17.93 -6.38 4.96
CA VAL B 369 -18.53 -7.07 6.09
C VAL B 369 -20.03 -7.26 5.91
N ALA B 370 -20.60 -6.48 4.99
CA ALA B 370 -22.03 -6.57 4.71
C ALA B 370 -22.31 -7.53 3.56
N ILE B 371 -21.42 -7.54 2.58
CA ILE B 371 -21.57 -8.42 1.42
C ILE B 371 -21.52 -9.89 1.85
N LYS B 372 -20.47 -10.25 2.58
CA LYS B 372 -20.25 -11.63 2.98
C LYS B 372 -21.40 -12.17 3.83
N ALA B 373 -21.67 -11.49 4.94
CA ALA B 373 -22.78 -11.88 5.81
C ALA B 373 -24.03 -12.18 4.99
N GLY B 374 -24.19 -11.46 3.88
CA GLY B 374 -25.32 -11.68 2.98
C GLY B 374 -25.13 -12.92 2.13
N GLU B 375 -23.90 -13.13 1.67
CA GLU B 375 -23.55 -14.34 0.92
C GLU B 375 -23.88 -15.58 1.75
N ILE B 376 -23.37 -15.60 2.98
CA ILE B 376 -23.52 -16.75 3.85
C ILE B 376 -24.98 -17.07 4.15
N LEU B 377 -25.75 -16.06 4.50
CA LEU B 377 -27.16 -16.24 4.80
C LEU B 377 -27.89 -16.91 3.64
N ALA B 378 -27.52 -16.52 2.42
CA ALA B 378 -28.12 -17.11 1.23
C ALA B 378 -27.81 -18.60 1.14
N ARG B 379 -26.59 -18.97 1.46
CA ARG B 379 -26.20 -20.37 1.48
C ARG B 379 -26.86 -21.12 2.64
N ARG B 380 -26.92 -20.48 3.80
CA ARG B 380 -27.61 -21.04 4.95
C ARG B 380 -29.07 -21.33 4.61
N LEU B 381 -29.68 -20.46 3.82
CA LEU B 381 -31.12 -20.52 3.58
C LEU B 381 -31.49 -21.39 2.38
N PHE B 382 -30.63 -21.41 1.36
CA PHE B 382 -31.01 -22.00 0.08
C PHE B 382 -30.01 -23.04 -0.43
N LYS B 383 -28.85 -23.13 0.23
CA LYS B 383 -27.88 -24.16 -0.11
C LYS B 383 -27.64 -25.09 1.08
N ASP B 384 -28.48 -24.95 2.10
CA ASP B 384 -28.35 -25.75 3.31
C ASP B 384 -26.92 -25.73 3.83
N SER B 385 -26.30 -24.55 3.78
CA SER B 385 -24.92 -24.38 4.20
C SER B 385 -24.80 -24.45 5.72
N ASP B 386 -23.59 -24.74 6.20
CA ASP B 386 -23.34 -24.87 7.63
C ASP B 386 -22.39 -23.77 8.12
N GLU B 387 -21.86 -22.99 7.19
CA GLU B 387 -20.92 -21.92 7.53
C GLU B 387 -21.63 -20.77 8.23
N ILE B 388 -20.96 -20.20 9.23
CA ILE B 388 -21.49 -19.03 9.93
C ILE B 388 -20.51 -17.85 9.83
N MET B 389 -21.04 -16.65 9.98
CA MET B 389 -20.28 -15.43 9.70
C MET B 389 -19.09 -15.25 10.65
N ASP B 390 -17.98 -14.78 10.08
CA ASP B 390 -16.79 -14.44 10.87
C ASP B 390 -16.60 -12.93 10.90
N TYR B 391 -16.62 -12.35 12.10
CA TYR B 391 -16.56 -10.90 12.25
C TYR B 391 -15.23 -10.43 12.84
N SER B 392 -14.24 -11.32 12.86
CA SER B 392 -12.96 -11.01 13.49
C SER B 392 -11.86 -10.74 12.46
N TYR B 393 -10.99 -9.80 12.78
CA TYR B 393 -9.81 -9.51 11.98
C TYR B 393 -10.16 -8.95 10.61
N ILE B 394 -11.27 -8.20 10.56
CA ILE B 394 -11.61 -7.42 9.38
C ILE B 394 -10.92 -6.06 9.46
N PRO B 395 -10.22 -5.67 8.38
CA PRO B 395 -9.43 -4.45 8.38
C PRO B 395 -10.25 -3.24 7.92
N THR B 396 -10.21 -2.18 8.71
CA THR B 396 -10.75 -0.89 8.28
C THR B 396 -9.62 0.08 7.98
N SER B 397 -9.83 0.95 6.99
CA SER B 397 -8.84 1.95 6.64
C SER B 397 -9.47 3.34 6.55
N ILE B 398 -9.12 4.20 7.49
CA ILE B 398 -9.59 5.58 7.47
C ILE B 398 -8.74 6.40 6.50
N TYR B 399 -9.40 7.15 5.62
CA TYR B 399 -8.71 7.89 4.58
C TYR B 399 -8.51 9.36 4.94
N THR B 400 -8.03 9.59 6.16
CA THR B 400 -7.71 10.93 6.61
C THR B 400 -6.42 11.42 5.95
N PRO B 401 -6.14 12.73 6.04
CA PRO B 401 -4.94 13.29 5.45
C PRO B 401 -3.77 12.32 5.60
N ILE B 402 -3.54 11.86 6.83
CA ILE B 402 -2.64 10.74 7.07
C ILE B 402 -3.47 9.49 7.38
N GLU B 403 -3.33 8.48 6.53
CA GLU B 403 -4.15 7.28 6.63
C GLU B 403 -3.91 6.51 7.92
N TYR B 404 -4.94 5.82 8.40
CA TYR B 404 -4.83 4.98 9.58
C TYR B 404 -5.54 3.65 9.37
N GLY B 405 -4.75 2.61 9.10
CA GLY B 405 -5.30 1.27 8.93
C GLY B 405 -5.35 0.50 10.25
N ALA B 406 -6.47 -0.18 10.48
CA ALA B 406 -6.67 -0.90 11.73
C ALA B 406 -7.25 -2.29 11.49
N CYS B 407 -6.67 -3.29 12.14
CA CYS B 407 -7.18 -4.64 12.08
C CYS B 407 -6.94 -5.37 13.41
N GLY B 408 -8.01 -5.90 14.00
CA GLY B 408 -7.90 -6.60 15.27
C GLY B 408 -8.27 -5.74 16.45
N TYR B 409 -7.64 -5.98 17.58
CA TYR B 409 -7.98 -5.30 18.82
C TYR B 409 -7.19 -4.03 19.04
N SER B 410 -7.87 -2.98 19.51
CA SER B 410 -7.20 -1.82 20.05
C SER B 410 -6.32 -2.24 21.21
N GLU B 411 -5.39 -1.38 21.61
CA GLU B 411 -4.52 -1.68 22.74
C GLU B 411 -5.33 -1.74 24.05
N GLU B 412 -6.09 -0.69 24.31
CA GLU B 412 -6.88 -0.62 25.54
C GLU B 412 -7.95 -1.69 25.60
N LYS B 413 -8.61 -1.94 24.48
CA LYS B 413 -9.65 -2.96 24.40
C LYS B 413 -9.05 -4.35 24.57
N ALA B 414 -7.77 -4.49 24.24
CA ALA B 414 -7.06 -5.74 24.45
C ALA B 414 -6.71 -5.92 25.92
N TYR B 415 -6.59 -4.80 26.64
CA TYR B 415 -6.31 -4.83 28.07
C TYR B 415 -7.55 -5.24 28.86
N GLU B 416 -8.71 -4.79 28.41
CA GLU B 416 -9.96 -5.12 29.07
C GLU B 416 -10.28 -6.61 28.93
N LEU B 417 -9.95 -7.19 27.78
CA LEU B 417 -10.31 -8.56 27.48
C LEU B 417 -9.26 -9.57 27.95
N TYR B 418 -8.03 -9.11 28.14
CA TYR B 418 -6.92 -10.01 28.43
C TYR B 418 -6.01 -9.46 29.53
N GLY B 419 -6.15 -8.18 29.83
CA GLY B 419 -5.40 -7.56 30.90
C GLY B 419 -3.99 -7.15 30.51
N LYS B 420 -3.57 -5.98 30.97
CA LYS B 420 -2.23 -5.49 30.72
C LYS B 420 -1.21 -6.60 30.92
N SER B 421 -1.34 -7.32 32.03
CA SER B 421 -0.38 -8.36 32.40
C SER B 421 -0.04 -9.29 31.24
N ASN B 422 -1.05 -9.63 30.44
CA ASN B 422 -0.89 -10.67 29.43
C ASN B 422 -0.86 -10.13 28.00
N VAL B 423 -0.77 -8.82 27.87
CA VAL B 423 -0.75 -8.17 26.57
C VAL B 423 0.55 -7.39 26.36
N GLU B 424 1.23 -7.67 25.25
CA GLU B 424 2.48 -6.98 24.95
C GLU B 424 2.37 -6.15 23.67
N VAL B 425 2.89 -4.94 23.66
CA VAL B 425 2.74 -4.04 22.53
C VAL B 425 4.09 -3.68 21.96
N PHE B 426 4.20 -3.66 20.65
CA PHE B 426 5.44 -3.31 19.96
C PHE B 426 5.26 -2.28 18.88
N LEU B 427 6.19 -1.35 18.72
CA LEU B 427 6.22 -0.46 17.59
C LEU B 427 7.28 -0.97 16.67
N GLN B 428 7.02 -0.99 15.38
CA GLN B 428 7.93 -1.65 14.45
C GLN B 428 7.64 -1.45 12.94
N THR B 458 5.63 8.09 10.55
CA THR B 458 4.91 7.50 9.44
C THR B 458 5.50 6.15 9.04
N CYS B 459 6.42 5.66 9.86
CA CYS B 459 7.02 4.34 9.66
C CYS B 459 6.74 3.46 10.86
N LEU B 460 5.98 4.16 11.69
CA LEU B 460 5.36 3.73 12.88
C LEU B 460 4.36 2.73 12.39
N ALA B 461 4.36 1.68 13.18
CA ALA B 461 3.42 0.60 13.14
C ALA B 461 3.33 0.21 14.59
N LYS B 462 2.15 -0.21 14.98
CA LYS B 462 1.83 -0.70 16.30
C LYS B 462 1.27 -2.12 16.28
N LEU B 463 2.00 -3.05 16.88
CA LEU B 463 1.55 -4.44 16.96
C LEU B 463 1.11 -4.80 18.38
N VAL B 464 -0.10 -5.33 18.50
CA VAL B 464 -0.63 -5.75 19.79
C VAL B 464 -0.81 -7.26 19.84
N CYS B 465 -0.04 -7.92 20.71
CA CYS B 465 -0.02 -9.38 20.76
C CYS B 465 -0.21 -9.92 22.18
N LEU B 466 -0.43 -11.24 22.27
CA LEU B 466 -0.70 -11.89 23.54
C LEU B 466 0.58 -12.38 24.20
N LYS B 467 0.83 -11.92 25.42
CA LYS B 467 1.99 -12.35 26.19
C LYS B 467 2.00 -13.86 26.39
N ASN B 468 0.86 -14.40 26.83
CA ASN B 468 0.79 -15.75 27.37
C ASN B 468 0.86 -16.86 26.32
N GLU B 469 0.42 -16.57 25.11
CA GLU B 469 0.46 -17.55 24.03
C GLU B 469 1.37 -17.14 22.88
N ASP B 470 2.67 -17.09 23.15
CA ASP B 470 3.68 -16.87 22.12
C ASP B 470 3.46 -15.57 21.36
N ASN B 471 3.07 -14.52 22.08
CA ASN B 471 2.88 -13.20 21.49
C ASN B 471 2.12 -13.22 20.17
N ARG B 472 1.08 -14.05 20.10
CA ARG B 472 0.23 -14.08 18.92
C ARG B 472 -0.44 -12.72 18.73
N VAL B 473 -0.37 -12.19 17.51
CA VAL B 473 -0.87 -10.85 17.23
C VAL B 473 -2.39 -10.76 17.35
N ILE B 474 -2.84 -9.94 18.29
CA ILE B 474 -4.28 -9.71 18.49
C ILE B 474 -4.76 -8.57 17.59
N GLY B 475 -3.94 -7.53 17.47
CA GLY B 475 -4.30 -6.36 16.69
C GLY B 475 -3.11 -5.72 16.00
N PHE B 476 -3.39 -4.99 14.91
CA PHE B 476 -2.35 -4.33 14.14
C PHE B 476 -2.84 -2.95 13.68
N HIS B 477 -2.04 -1.93 13.97
CA HIS B 477 -2.42 -0.56 13.62
C HIS B 477 -1.28 0.18 12.98
N TYR B 478 -1.58 0.91 11.91
CA TYR B 478 -0.56 1.60 11.14
C TYR B 478 -1.03 2.98 10.70
N VAL B 479 -0.31 4.01 11.12
CA VAL B 479 -0.60 5.39 10.70
C VAL B 479 0.50 5.90 9.78
N GLY B 480 0.33 5.63 8.49
CA GLY B 480 1.35 5.86 7.51
C GLY B 480 0.78 5.98 6.11
N PRO B 481 1.68 6.34 5.11
CA PRO B 481 1.07 6.36 3.76
C PRO B 481 0.59 4.99 3.32
N ASN B 482 -0.56 4.94 2.67
CA ASN B 482 -1.10 3.67 2.19
C ASN B 482 -1.34 2.63 3.26
N ALA B 483 -1.86 3.07 4.40
CA ALA B 483 -2.15 2.16 5.50
C ALA B 483 -3.20 1.15 5.08
N GLY B 484 -4.16 1.59 4.30
CA GLY B 484 -5.19 0.72 3.75
C GLY B 484 -4.64 -0.51 3.07
N GLU B 485 -3.59 -0.31 2.28
CA GLU B 485 -2.96 -1.41 1.55
C GLU B 485 -2.24 -2.36 2.51
N VAL B 486 -1.45 -1.79 3.40
CA VAL B 486 -0.66 -2.57 4.35
C VAL B 486 -1.56 -3.39 5.27
N THR B 487 -2.54 -2.73 5.88
CA THR B 487 -3.41 -3.37 6.86
C THR B 487 -4.17 -4.55 6.27
N GLN B 488 -4.50 -4.46 4.99
CA GLN B 488 -5.23 -5.53 4.32
C GLN B 488 -4.41 -6.82 4.29
N GLY B 489 -3.12 -6.70 4.01
CA GLY B 489 -2.24 -7.85 4.00
C GLY B 489 -2.07 -8.45 5.37
N MET B 490 -1.82 -7.60 6.36
CA MET B 490 -1.68 -8.04 7.74
C MET B 490 -2.94 -8.72 8.24
N ALA B 491 -4.09 -8.25 7.77
CA ALA B 491 -5.37 -8.80 8.17
C ALA B 491 -5.43 -10.30 7.92
N LEU B 492 -4.85 -10.73 6.80
CA LEU B 492 -4.80 -12.14 6.45
C LEU B 492 -3.80 -12.88 7.31
N ALA B 493 -2.74 -12.18 7.73
CA ALA B 493 -1.74 -12.74 8.61
C ALA B 493 -2.31 -12.97 10.00
N LEU B 494 -3.16 -12.05 10.44
CA LEU B 494 -3.81 -12.17 11.74
C LEU B 494 -4.73 -13.39 11.79
N ARG B 495 -5.46 -13.63 10.70
CA ARG B 495 -6.33 -14.78 10.61
C ARG B 495 -5.54 -16.08 10.65
N LEU B 496 -4.36 -16.07 10.06
CA LEU B 496 -3.46 -17.22 10.13
C LEU B 496 -2.68 -17.21 11.43
N LYS B 497 -3.15 -16.42 12.38
CA LYS B 497 -2.58 -16.38 13.72
C LYS B 497 -1.09 -16.11 13.70
N VAL B 498 -0.70 -15.01 13.06
CA VAL B 498 0.70 -14.59 13.05
C VAL B 498 1.19 -14.28 14.45
N LYS B 499 2.51 -14.35 14.65
CA LYS B 499 3.10 -14.05 15.94
C LYS B 499 4.33 -13.16 15.77
N LYS B 500 4.62 -12.34 16.77
CA LYS B 500 5.75 -11.43 16.71
C LYS B 500 7.00 -12.16 16.23
N LYS B 501 7.17 -13.39 16.67
CA LYS B 501 8.27 -14.23 16.21
C LYS B 501 8.40 -14.18 14.69
N ASP B 502 7.28 -14.42 14.01
CA ASP B 502 7.26 -14.48 12.55
C ASP B 502 7.55 -13.11 11.93
N PHE B 503 7.18 -12.05 12.64
CA PHE B 503 7.36 -10.70 12.14
C PHE B 503 8.83 -10.29 12.09
N ASP B 504 9.48 -10.32 13.25
CA ASP B 504 10.89 -9.94 13.34
C ASP B 504 11.76 -10.78 12.41
N ASN B 505 11.32 -12.00 12.14
CA ASN B 505 12.06 -12.90 11.25
C ASN B 505 11.56 -12.84 9.81
N CYS B 506 10.77 -11.81 9.51
CA CYS B 506 10.26 -11.61 8.16
C CYS B 506 11.08 -10.56 7.41
#